data_6S7I
#
_entry.id   6S7I
#
_cell.length_a   77.583
_cell.length_b   98.303
_cell.length_c   144.348
_cell.angle_alpha   90.000
_cell.angle_beta   90.000
_cell.angle_gamma   90.000
#
_symmetry.space_group_name_H-M   'P 21 21 21'
#
loop_
_entity.id
_entity.type
_entity.pdbx_description
1 polymer 'Arbitrium receptor'
2 non-polymer 'SULFATE ION'
3 water water
#
_entity_poly.entity_id   1
_entity_poly.type   'polypeptide(L)'
_entity_poly.pdbx_seq_one_letter_code
;AMELIRIAMKKDLENDNSLMNKWATVAGLKNPNPLYDFLNHDGKTFNEFSSIVNIVKSQYPDREYELMKDYCLNLDVKTK
AARSALEYADANMFFEIEDALIDSMISCSNMKSKEYGKVYKIHRELSKGEIDVFEASANIGKQRIKTAEMNIFSKMLLMY
DCLNKGNFAPMMLLFQQIDLSEIKENRYLKNSFETRINVLLSNIYLNENNLELCREYAQKAISSTDTQRFLVFSYLTIGT
SYIFSDFNLSKQNYLIGLKFAKGNPGFEEFFKRNLSFLNNFWNKENEWINYDSDAVTDMQEVIFELINHKELSKALQLLN
KLEERDQNENELGFHYYLKGLITNEKEAFFKSVEYFKASQDKLSIKMPLIQLEKMGENPRLLKIITM
;
_entity_poly.pdbx_strand_id   A,B
#
# COMPACT_ATOMS: atom_id res chain seq x y z
N ALA A 1 -14.80 -37.17 33.90
CA ALA A 1 -14.39 -36.98 32.52
C ALA A 1 -15.49 -36.25 31.73
N MET A 2 -15.62 -34.92 31.83
CA MET A 2 -16.64 -34.16 31.08
C MET A 2 -16.27 -34.12 29.60
N GLU A 3 -15.02 -33.76 29.25
CA GLU A 3 -14.61 -33.64 27.81
C GLU A 3 -14.59 -34.96 27.08
N LEU A 4 -15.09 -34.96 25.85
CA LEU A 4 -15.17 -36.16 25.02
C LEU A 4 -13.83 -36.92 24.88
N ILE A 5 -12.75 -36.17 24.81
CA ILE A 5 -11.40 -36.72 24.64
C ILE A 5 -10.94 -37.51 25.87
N ARG A 6 -11.34 -37.05 27.05
CA ARG A 6 -10.99 -37.73 28.30
C ARG A 6 -11.79 -39.01 28.47
N ILE A 7 -13.05 -38.98 27.99
CA ILE A 7 -13.92 -40.16 27.99
C ILE A 7 -13.34 -41.24 27.06
N ALA A 8 -13.03 -40.88 25.81
CA ALA A 8 -12.42 -41.83 24.88
C ALA A 8 -11.09 -42.38 25.40
N MET A 9 -10.23 -41.54 25.98
CA MET A 9 -8.92 -41.98 26.47
C MET A 9 -8.98 -42.95 27.66
N LYS A 10 -9.80 -42.63 28.66
CA LYS A 10 -10.08 -43.54 29.80
C LYS A 10 -10.60 -44.90 29.32
N LYS A 11 -11.51 -44.88 28.34
CA LYS A 11 -12.12 -46.04 27.71
C LYS A 11 -11.07 -46.90 27.00
N ASP A 12 -10.18 -46.28 26.23
CA ASP A 12 -9.19 -47.03 25.45
C ASP A 12 -8.07 -47.57 26.31
N LEU A 13 -7.78 -46.86 27.41
CA LEU A 13 -6.81 -47.26 28.43
C LEU A 13 -7.26 -48.47 29.26
N GLU A 14 -8.56 -48.58 29.48
CA GLU A 14 -9.18 -49.71 30.20
C GLU A 14 -8.90 -51.02 29.44
N ASN A 15 -8.86 -50.93 28.10
CA ASN A 15 -8.64 -52.09 27.23
C ASN A 15 -7.18 -52.34 26.87
N ASP A 16 -6.32 -51.35 27.12
CA ASP A 16 -4.93 -51.38 26.67
C ASP A 16 -4.06 -50.45 27.54
N ASN A 17 -3.47 -50.99 28.61
CA ASN A 17 -2.57 -50.26 29.53
C ASN A 17 -1.30 -49.63 28.90
N SER A 18 -0.81 -50.21 27.81
CA SER A 18 0.40 -49.76 27.13
C SER A 18 0.26 -48.43 26.38
N LEU A 19 -0.98 -47.96 26.20
CA LEU A 19 -1.25 -46.66 25.57
C LEU A 19 -0.70 -45.48 26.36
N MET A 20 -0.70 -45.59 27.69
CA MET A 20 -0.23 -44.51 28.57
C MET A 20 1.18 -44.00 28.22
N ASN A 21 2.14 -44.94 28.09
CA ASN A 21 3.52 -44.57 27.76
C ASN A 21 3.71 -44.17 26.29
N LYS A 22 2.83 -44.68 25.43
CA LYS A 22 2.74 -44.33 24.02
C LYS A 22 2.29 -42.84 23.87
N TRP A 23 1.15 -42.49 24.47
CA TRP A 23 0.65 -41.10 24.51
C TRP A 23 1.60 -40.11 25.21
N ALA A 24 2.31 -40.55 26.25
CA ALA A 24 3.30 -39.69 26.91
C ALA A 24 4.40 -39.21 25.97
N THR A 25 5.04 -40.14 25.25
CA THR A 25 6.13 -39.79 24.30
C THR A 25 5.63 -38.94 23.09
N VAL A 26 4.45 -39.28 22.56
CA VAL A 26 3.79 -38.53 21.49
C VAL A 26 3.48 -37.06 21.84
N ALA A 27 3.13 -36.81 23.11
CA ALA A 27 2.91 -35.49 23.71
C ALA A 27 4.19 -34.67 24.03
N GLY A 28 5.36 -35.31 23.93
CA GLY A 28 6.65 -34.68 24.24
C GLY A 28 7.08 -34.64 25.69
N LEU A 29 6.51 -35.52 26.53
CA LEU A 29 6.78 -35.47 27.97
C LEU A 29 7.83 -36.52 28.36
N LYS A 30 8.77 -36.15 29.24
CA LYS A 30 9.79 -37.07 29.73
C LYS A 30 9.23 -38.11 30.72
N ASN A 31 8.01 -37.87 31.21
CA ASN A 31 7.40 -38.61 32.33
C ASN A 31 5.85 -38.53 32.19
N PRO A 32 5.12 -39.62 32.46
CA PRO A 32 3.65 -39.59 32.22
C PRO A 32 2.74 -38.84 33.27
N ASN A 33 3.28 -38.35 34.39
CA ASN A 33 2.48 -37.63 35.42
C ASN A 33 1.44 -36.57 34.95
N PRO A 34 1.85 -35.60 34.08
CA PRO A 34 0.88 -34.64 33.57
C PRO A 34 -0.31 -35.28 32.87
N LEU A 35 -0.08 -36.44 32.26
CA LEU A 35 -1.15 -37.19 31.64
C LEU A 35 -2.11 -37.88 32.66
N TYR A 36 -1.59 -38.45 33.75
CA TYR A 36 -2.45 -38.96 34.82
C TYR A 36 -3.32 -37.83 35.34
N ASP A 37 -2.72 -36.65 35.50
CA ASP A 37 -3.41 -35.45 35.98
C ASP A 37 -4.51 -35.02 35.04
N PHE A 38 -4.20 -34.99 33.74
CA PHE A 38 -5.14 -34.60 32.72
C PHE A 38 -6.37 -35.50 32.71
N LEU A 39 -6.15 -36.80 32.77
CA LEU A 39 -7.26 -37.79 32.87
C LEU A 39 -8.13 -37.69 34.15
N ASN A 40 -7.51 -37.44 35.30
CA ASN A 40 -8.22 -37.50 36.60
C ASN A 40 -8.91 -36.24 37.09
N HIS A 41 -8.28 -35.08 36.89
CA HIS A 41 -8.77 -33.84 37.49
C HIS A 41 -9.23 -32.86 36.44
N ASP A 42 -10.50 -32.45 36.54
CA ASP A 42 -11.09 -31.45 35.67
C ASP A 42 -10.28 -30.14 35.74
N GLY A 43 -10.03 -29.54 34.58
CA GLY A 43 -9.32 -28.28 34.47
C GLY A 43 -7.80 -28.35 34.44
N LYS A 44 -7.23 -29.56 34.58
CA LYS A 44 -5.77 -29.74 34.44
C LYS A 44 -5.37 -29.79 32.97
N THR A 45 -4.55 -28.84 32.56
CA THR A 45 -4.07 -28.75 31.17
C THR A 45 -2.60 -29.17 31.11
N PHE A 46 -2.12 -29.49 29.91
CA PHE A 46 -0.66 -29.62 29.72
C PHE A 46 -0.04 -28.22 29.63
N ASN A 47 1.25 -28.09 29.92
CA ASN A 47 1.88 -26.76 29.84
C ASN A 47 1.90 -26.23 28.36
N GLU A 48 2.07 -27.16 27.41
CA GLU A 48 2.07 -26.84 25.99
C GLU A 48 0.92 -27.48 25.23
N PHE A 49 0.26 -26.68 24.40
CA PHE A 49 -0.95 -27.14 23.68
C PHE A 49 -0.72 -28.27 22.66
N SER A 50 0.52 -28.38 22.17
CA SER A 50 0.93 -29.49 21.29
C SER A 50 0.72 -30.87 21.92
N SER A 51 0.82 -30.97 23.23
CA SER A 51 0.63 -32.28 23.89
C SER A 51 -0.75 -32.90 23.51
N ILE A 52 -1.83 -32.12 23.66
CA ILE A 52 -3.16 -32.63 23.35
C ILE A 52 -3.46 -32.79 21.86
N VAL A 53 -2.97 -31.84 21.04
CA VAL A 53 -3.14 -31.90 19.59
C VAL A 53 -2.46 -33.15 19.05
N ASN A 54 -1.21 -33.39 19.46
CA ASN A 54 -0.50 -34.61 19.07
C ASN A 54 -1.15 -35.92 19.50
N ILE A 55 -1.63 -36.01 20.73
CA ILE A 55 -2.38 -37.19 21.18
C ILE A 55 -3.60 -37.43 20.28
N VAL A 56 -4.44 -36.40 20.10
CA VAL A 56 -5.63 -36.48 19.21
C VAL A 56 -5.29 -36.83 17.73
N LYS A 57 -4.25 -36.22 17.14
CA LYS A 57 -3.84 -36.54 15.75
C LYS A 57 -3.38 -38.00 15.59
N SER A 58 -2.82 -38.56 16.66
CA SER A 58 -2.22 -39.87 16.65
C SER A 58 -3.24 -40.98 16.92
N GLN A 59 -4.06 -40.79 17.95
CA GLN A 59 -5.00 -41.79 18.43
C GLN A 59 -6.37 -41.71 17.77
N TYR A 60 -6.83 -40.50 17.45
CA TYR A 60 -8.15 -40.33 16.85
C TYR A 60 -8.11 -39.47 15.59
N PRO A 61 -7.31 -39.88 14.57
CA PRO A 61 -7.05 -38.91 13.46
C PRO A 61 -8.34 -38.47 12.73
N ASP A 62 -9.28 -39.39 12.56
CA ASP A 62 -10.57 -39.14 11.91
C ASP A 62 -11.52 -38.23 12.69
N ARG A 63 -11.23 -38.02 13.98
CA ARG A 63 -12.16 -37.38 14.91
C ARG A 63 -11.64 -36.01 15.43
N GLU A 64 -10.64 -35.45 14.75
CA GLU A 64 -9.93 -34.27 15.24
C GLU A 64 -10.89 -33.12 15.51
N TYR A 65 -11.67 -32.75 14.50
CA TYR A 65 -12.61 -31.64 14.65
C TYR A 65 -13.60 -31.80 15.83
N GLU A 66 -14.36 -32.91 15.89
CA GLU A 66 -15.32 -33.12 17.01
C GLU A 66 -14.63 -33.01 18.41
N LEU A 67 -13.52 -33.72 18.58
CA LEU A 67 -12.87 -33.81 19.88
C LEU A 67 -12.31 -32.47 20.32
N MET A 68 -11.63 -31.79 19.39
CA MET A 68 -11.06 -30.47 19.66
C MET A 68 -12.12 -29.37 19.85
N LYS A 69 -13.22 -29.43 19.11
CA LYS A 69 -14.34 -28.49 19.35
C LYS A 69 -14.85 -28.61 20.81
N ASP A 70 -15.21 -29.82 21.23
CA ASP A 70 -15.65 -30.06 22.60
C ASP A 70 -14.58 -29.63 23.65
N TYR A 71 -13.31 -30.01 23.42
CA TYR A 71 -12.24 -29.66 24.34
C TYR A 71 -12.03 -28.16 24.50
N CYS A 72 -11.96 -27.45 23.38
CA CYS A 72 -11.83 -25.98 23.36
C CYS A 72 -12.99 -25.23 24.00
N LEU A 73 -14.25 -25.61 23.72
CA LEU A 73 -15.43 -24.93 24.36
C LEU A 73 -15.53 -25.10 25.91
N ASN A 74 -14.78 -26.07 26.47
CA ASN A 74 -14.74 -26.39 27.90
C ASN A 74 -13.54 -25.87 28.67
N LEU A 75 -12.60 -25.28 27.97
CA LEU A 75 -11.43 -24.66 28.59
C LEU A 75 -11.79 -23.41 29.41
N ASP A 76 -11.04 -23.18 30.49
CA ASP A 76 -11.08 -21.93 31.23
C ASP A 76 -10.43 -20.84 30.31
N VAL A 77 -11.28 -19.92 29.89
CA VAL A 77 -10.89 -18.84 28.96
C VAL A 77 -9.74 -17.92 29.44
N LYS A 78 -9.50 -17.93 30.74
CA LYS A 78 -8.43 -17.12 31.39
C LYS A 78 -7.01 -17.69 31.29
N THR A 79 -6.87 -18.92 30.73
CA THR A 79 -5.59 -19.65 30.74
C THR A 79 -4.78 -19.53 29.44
N LYS A 80 -3.47 -19.76 29.58
CA LYS A 80 -2.53 -20.04 28.49
C LYS A 80 -3.08 -21.07 27.49
N ALA A 81 -3.73 -22.12 28.00
CA ALA A 81 -4.23 -23.17 27.12
C ALA A 81 -5.34 -22.64 26.15
N ALA A 82 -6.27 -21.81 26.66
CA ALA A 82 -7.30 -21.15 25.86
C ALA A 82 -6.73 -20.18 24.81
N ARG A 83 -5.61 -19.53 25.14
CA ARG A 83 -4.96 -18.61 24.24
C ARG A 83 -4.27 -19.39 23.12
N SER A 84 -3.70 -20.55 23.47
CA SER A 84 -3.18 -21.47 22.50
C SER A 84 -4.28 -22.10 21.59
N ALA A 85 -5.44 -22.40 22.17
CA ALA A 85 -6.59 -22.92 21.43
C ALA A 85 -7.06 -21.93 20.35
N LEU A 86 -6.90 -20.65 20.62
CA LEU A 86 -7.36 -19.59 19.74
C LEU A 86 -6.45 -19.57 18.49
N GLU A 87 -5.14 -19.64 18.71
CA GLU A 87 -4.20 -19.82 17.62
C GLU A 87 -4.49 -21.11 16.83
N TYR A 88 -4.75 -22.23 17.54
CA TYR A 88 -4.98 -23.51 16.89
C TYR A 88 -6.19 -23.40 15.98
N ALA A 89 -7.28 -22.79 16.48
CA ALA A 89 -8.51 -22.68 15.70
C ALA A 89 -8.28 -21.77 14.46
N ASP A 90 -7.61 -20.64 14.64
CA ASP A 90 -7.41 -19.75 13.50
C ASP A 90 -6.51 -20.37 12.45
N ALA A 91 -5.40 -20.99 12.88
CA ALA A 91 -4.52 -21.73 11.99
C ALA A 91 -5.21 -22.78 11.13
N ASN A 92 -6.17 -23.50 11.70
CA ASN A 92 -6.85 -24.58 11.00
C ASN A 92 -8.10 -24.11 10.32
N MET A 93 -8.38 -22.80 10.39
CA MET A 93 -9.59 -22.21 9.82
C MET A 93 -10.81 -22.90 10.40
N PHE A 94 -10.77 -23.21 11.70
CA PHE A 94 -11.95 -23.68 12.43
C PHE A 94 -12.66 -22.48 13.02
N PHE A 95 -13.37 -21.74 12.16
CA PHE A 95 -13.93 -20.42 12.53
C PHE A 95 -15.03 -20.44 13.59
N GLU A 96 -15.80 -21.54 13.61
CA GLU A 96 -16.79 -21.75 14.66
C GLU A 96 -16.18 -21.85 16.07
N ILE A 97 -15.14 -22.69 16.24
CA ILE A 97 -14.38 -22.76 17.49
C ILE A 97 -13.83 -21.38 17.86
N GLU A 98 -13.18 -20.73 16.89
CA GLU A 98 -12.51 -19.46 17.05
C GLU A 98 -13.42 -18.33 17.48
N ASP A 99 -14.55 -18.17 16.78
CA ASP A 99 -15.48 -17.07 17.08
C ASP A 99 -16.12 -17.19 18.47
N ALA A 100 -16.39 -18.42 18.91
CA ALA A 100 -16.89 -18.71 20.27
C ALA A 100 -15.86 -18.36 21.36
N LEU A 101 -14.61 -18.81 21.17
CA LEU A 101 -13.48 -18.43 22.05
C LEU A 101 -13.20 -16.92 22.13
N ILE A 102 -13.26 -16.25 20.97
CA ILE A 102 -13.12 -14.78 20.89
C ILE A 102 -14.17 -14.08 21.77
N ASP A 103 -15.44 -14.37 21.58
CA ASP A 103 -16.52 -13.70 22.33
C ASP A 103 -16.41 -13.89 23.83
N SER A 104 -16.04 -15.10 24.25
CA SER A 104 -15.96 -15.38 25.67
C SER A 104 -14.65 -14.87 26.31
N MET A 105 -13.62 -14.60 25.49
CA MET A 105 -12.37 -14.04 25.99
C MET A 105 -12.42 -12.53 26.13
N ILE A 106 -13.14 -11.86 25.24
CA ILE A 106 -13.38 -10.42 25.41
C ILE A 106 -14.19 -10.11 26.69
N SER A 107 -15.14 -11.00 27.00
CA SER A 107 -15.95 -10.96 28.24
C SER A 107 -15.16 -11.08 29.55
N CYS A 108 -14.18 -12.00 29.59
CA CYS A 108 -13.51 -12.39 30.83
C CYS A 108 -12.69 -11.25 31.42
N SER A 109 -12.26 -11.43 32.66
CA SER A 109 -11.53 -10.40 33.39
C SER A 109 -10.00 -10.49 33.26
N ASN A 110 -9.49 -11.57 32.68
CA ASN A 110 -8.03 -11.74 32.53
C ASN A 110 -7.48 -10.82 31.41
N MET A 111 -6.47 -10.03 31.72
CA MET A 111 -5.97 -9.01 30.79
C MET A 111 -5.37 -9.61 29.49
N LYS A 112 -4.55 -10.66 29.64
CA LYS A 112 -3.97 -11.37 28.53
C LYS A 112 -4.99 -11.96 27.55
N SER A 113 -5.91 -12.78 28.04
CA SER A 113 -6.96 -13.37 27.22
C SER A 113 -7.86 -12.35 26.52
N LYS A 114 -8.16 -11.24 27.19
CA LYS A 114 -8.96 -10.13 26.62
C LYS A 114 -8.26 -9.51 25.40
N GLU A 115 -6.95 -9.35 25.53
CA GLU A 115 -6.18 -8.68 24.51
C GLU A 115 -6.06 -9.59 23.27
N TYR A 116 -5.81 -10.89 23.49
CA TYR A 116 -5.77 -11.90 22.40
C TYR A 116 -7.12 -11.96 21.66
N GLY A 117 -8.18 -12.09 22.41
CA GLY A 117 -9.53 -12.00 21.86
C GLY A 117 -9.76 -10.77 21.00
N LYS A 118 -9.44 -9.59 21.52
CA LYS A 118 -9.71 -8.36 20.77
C LYS A 118 -8.87 -8.32 19.47
N VAL A 119 -7.60 -8.73 19.57
CA VAL A 119 -6.70 -8.78 18.40
C VAL A 119 -7.09 -9.84 17.35
N TYR A 120 -7.40 -11.08 17.77
CA TYR A 120 -7.91 -12.07 16.79
C TYR A 120 -9.22 -11.63 16.11
N LYS A 121 -10.11 -10.91 16.83
CA LYS A 121 -11.32 -10.34 16.28
C LYS A 121 -11.01 -9.34 15.13
N ILE A 122 -10.04 -8.45 15.35
CA ILE A 122 -9.57 -7.58 14.29
C ILE A 122 -9.10 -8.37 13.03
N HIS A 123 -8.40 -9.48 13.26
CA HIS A 123 -7.90 -10.31 12.17
C HIS A 123 -9.06 -10.96 11.40
N ARG A 124 -10.04 -11.46 12.13
CA ARG A 124 -11.25 -12.04 11.54
C ARG A 124 -12.01 -11.02 10.67
N GLU A 125 -12.26 -9.84 11.22
CA GLU A 125 -12.90 -8.74 10.48
C GLU A 125 -12.17 -8.28 9.19
N LEU A 126 -10.85 -8.16 9.26
CA LEU A 126 -10.04 -7.79 8.10
C LEU A 126 -10.03 -8.88 7.01
N SER A 127 -9.88 -10.15 7.41
CA SER A 127 -10.00 -11.33 6.50
C SER A 127 -11.29 -11.38 5.70
N LYS A 128 -12.40 -11.10 6.37
CA LYS A 128 -13.72 -11.09 5.74
C LYS A 128 -14.03 -9.80 4.96
N GLY A 129 -13.07 -8.88 4.89
CA GLY A 129 -13.29 -7.55 4.27
C GLY A 129 -14.36 -6.65 4.93
N GLU A 130 -14.72 -6.92 6.19
CA GLU A 130 -15.65 -6.07 6.94
C GLU A 130 -15.01 -4.73 7.33
N ILE A 131 -13.69 -4.67 7.27
CA ILE A 131 -12.90 -3.45 7.54
C ILE A 131 -11.71 -3.45 6.58
N ASP A 132 -11.11 -2.30 6.37
CA ASP A 132 -9.93 -2.16 5.51
C ASP A 132 -8.65 -2.05 6.39
N VAL A 133 -7.49 -2.00 5.73
CA VAL A 133 -6.23 -2.06 6.44
C VAL A 133 -6.04 -0.87 7.41
N PHE A 134 -6.59 0.31 7.07
CA PHE A 134 -6.45 1.48 7.91
C PHE A 134 -7.33 1.47 9.14
N GLU A 135 -8.59 1.04 9.02
CA GLU A 135 -9.43 0.77 10.19
C GLU A 135 -8.77 -0.30 11.11
N ALA A 136 -8.20 -1.35 10.50
CA ALA A 136 -7.56 -2.43 11.27
C ALA A 136 -6.38 -1.93 12.14
N SER A 137 -5.47 -1.12 11.56
CA SER A 137 -4.35 -0.51 12.35
C SER A 137 -4.86 0.46 13.40
N ALA A 138 -5.97 1.14 13.10
CA ALA A 138 -6.56 2.09 14.02
C ALA A 138 -7.13 1.34 15.26
N ASN A 139 -7.72 0.17 15.03
CA ASN A 139 -8.24 -0.67 16.10
C ASN A 139 -7.14 -1.30 16.97
N ILE A 140 -6.05 -1.69 16.31
CA ILE A 140 -4.84 -2.18 16.97
C ILE A 140 -4.37 -1.10 17.93
N GLY A 141 -4.34 0.14 17.44
CA GLY A 141 -3.93 1.28 18.25
C GLY A 141 -4.81 1.56 19.46
N LYS A 142 -6.14 1.50 19.22
CA LYS A 142 -7.20 1.68 20.23
C LYS A 142 -7.00 0.73 21.44
N GLN A 143 -6.72 -0.53 21.14
CA GLN A 143 -6.47 -1.58 22.10
C GLN A 143 -5.33 -1.42 23.11
N ARG A 144 -4.36 -0.56 22.83
CA ARG A 144 -3.14 -0.37 23.66
C ARG A 144 -2.49 -1.70 24.08
N ILE A 145 -1.97 -2.42 23.08
CA ILE A 145 -1.40 -3.76 23.24
C ILE A 145 -0.25 -3.80 24.27
N LYS A 146 -0.30 -4.75 25.21
CA LYS A 146 0.80 -4.94 26.17
C LYS A 146 1.70 -6.13 25.88
N THR A 147 1.14 -7.24 25.42
CA THR A 147 1.93 -8.48 25.29
C THR A 147 2.81 -8.47 24.05
N ALA A 148 3.96 -9.14 24.17
CA ALA A 148 4.89 -9.31 23.05
C ALA A 148 4.27 -10.18 21.94
N GLU A 149 3.46 -11.15 22.36
CA GLU A 149 2.74 -12.05 21.46
C GLU A 149 1.79 -11.28 20.52
N MET A 150 0.96 -10.40 21.07
CA MET A 150 0.03 -9.62 20.24
C MET A 150 0.67 -8.44 19.52
N ASN A 151 1.80 -7.97 20.06
CA ASN A 151 2.60 -7.02 19.31
C ASN A 151 2.99 -7.63 17.94
N ILE A 152 3.44 -8.89 17.94
CA ILE A 152 3.85 -9.63 16.73
C ILE A 152 2.64 -10.01 15.85
N PHE A 153 1.58 -10.53 16.47
CA PHE A 153 0.43 -10.97 15.70
C PHE A 153 -0.32 -9.80 15.01
N SER A 154 -0.33 -8.63 15.65
CA SER A 154 -0.92 -7.44 15.02
C SER A 154 -0.16 -7.07 13.76
N LYS A 155 1.14 -7.31 13.73
CA LYS A 155 1.93 -7.08 12.50
C LYS A 155 1.61 -8.11 11.42
N MET A 156 1.49 -9.36 11.82
CA MET A 156 1.18 -10.45 10.92
C MET A 156 -0.22 -10.31 10.32
N LEU A 157 -1.21 -9.89 11.12
CA LEU A 157 -2.56 -9.73 10.55
C LEU A 157 -2.59 -8.66 9.46
N LEU A 158 -1.74 -7.63 9.59
CA LEU A 158 -1.62 -6.60 8.58
C LEU A 158 -0.91 -7.15 7.35
N MET A 159 0.10 -8.00 7.57
CA MET A 159 0.76 -8.70 6.46
C MET A 159 -0.21 -9.50 5.60
N TYR A 160 -1.14 -10.23 6.23
CA TYR A 160 -2.14 -10.99 5.49
C TYR A 160 -2.96 -10.14 4.54
N ASP A 161 -3.40 -8.97 5.01
CA ASP A 161 -4.09 -8.06 4.12
C ASP A 161 -3.19 -7.53 2.99
N CYS A 162 -1.95 -7.14 3.32
CA CYS A 162 -0.99 -6.73 2.32
C CYS A 162 -0.75 -7.80 1.25
N LEU A 163 -0.61 -9.06 1.68
CA LEU A 163 -0.48 -10.18 0.75
C LEU A 163 -1.67 -10.30 -0.19
N ASN A 164 -2.91 -10.35 0.31
CA ASN A 164 -3.94 -10.50 -0.68
C ASN A 164 -4.28 -9.25 -1.54
N LYS A 165 -3.68 -8.09 -1.23
CA LYS A 165 -3.76 -6.96 -2.14
C LYS A 165 -2.53 -6.87 -3.06
N GLY A 166 -1.64 -7.84 -2.96
CA GLY A 166 -0.43 -7.87 -3.78
C GLY A 166 0.53 -6.72 -3.58
N ASN A 167 0.55 -6.15 -2.38
CA ASN A 167 1.37 -4.98 -2.05
C ASN A 167 2.52 -5.30 -1.08
N PHE A 168 3.70 -5.57 -1.63
CA PHE A 168 4.79 -6.27 -0.98
C PHE A 168 5.80 -5.44 -0.21
N ALA A 169 6.02 -4.21 -0.62
CA ALA A 169 6.95 -3.33 0.12
C ALA A 169 6.52 -3.10 1.60
N PRO A 170 5.21 -2.80 1.85
CA PRO A 170 4.82 -2.64 3.27
C PRO A 170 4.86 -3.95 4.08
N MET A 171 4.66 -5.10 3.43
CA MET A 171 4.85 -6.41 4.07
C MET A 171 6.22 -6.56 4.65
N MET A 172 7.25 -6.19 3.87
CA MET A 172 8.65 -6.34 4.27
C MET A 172 8.97 -5.40 5.40
N LEU A 173 8.32 -4.24 5.41
CA LEU A 173 8.51 -3.24 6.45
C LEU A 173 8.00 -3.81 7.79
N LEU A 174 6.88 -4.54 7.74
CA LEU A 174 6.30 -5.12 8.93
C LEU A 174 7.07 -6.37 9.37
N PHE A 175 7.50 -7.17 8.41
CA PHE A 175 8.35 -8.32 8.69
C PHE A 175 9.59 -7.92 9.50
N GLN A 176 10.24 -6.82 9.13
CA GLN A 176 11.44 -6.31 9.80
C GLN A 176 11.23 -5.99 11.28
N GLN A 177 9.98 -5.74 11.67
CA GLN A 177 9.68 -5.30 13.05
C GLN A 177 9.34 -6.47 13.98
N ILE A 178 9.32 -7.68 13.43
CA ILE A 178 8.98 -8.86 14.20
C ILE A 178 10.25 -9.51 14.77
N ASP A 179 10.26 -9.77 16.06
CA ASP A 179 11.31 -10.57 16.69
C ASP A 179 10.72 -11.68 17.55
N LEU A 180 10.75 -12.89 17.04
CA LEU A 180 10.05 -14.02 17.68
C LEU A 180 10.65 -14.49 19.02
N SER A 181 11.90 -14.10 19.30
CA SER A 181 12.54 -14.51 20.54
C SER A 181 11.96 -13.80 21.78
N GLU A 182 11.06 -12.83 21.55
CA GLU A 182 10.40 -12.14 22.65
C GLU A 182 9.20 -12.89 23.20
N ILE A 183 8.82 -13.96 22.52
CA ILE A 183 7.80 -14.89 23.02
C ILE A 183 8.50 -15.87 23.96
N LYS A 184 8.35 -15.62 25.26
CA LYS A 184 9.24 -16.23 26.29
C LYS A 184 8.67 -17.51 26.87
N GLU A 185 7.35 -17.59 26.98
CA GLU A 185 6.70 -18.68 27.69
C GLU A 185 5.86 -19.64 26.83
N ASN A 186 5.36 -19.17 25.70
CA ASN A 186 4.39 -19.94 24.97
C ASN A 186 5.00 -20.54 23.67
N ARG A 187 5.66 -21.69 23.83
CA ARG A 187 6.42 -22.34 22.74
C ARG A 187 5.52 -22.80 21.59
N TYR A 188 4.28 -23.18 21.86
CA TYR A 188 3.34 -23.58 20.84
C TYR A 188 3.05 -22.40 19.90
N LEU A 189 2.85 -21.22 20.49
CA LEU A 189 2.49 -20.01 19.78
C LEU A 189 3.69 -19.52 18.95
N LYS A 190 4.87 -19.46 19.56
CA LYS A 190 6.12 -19.16 18.88
C LYS A 190 6.30 -20.08 17.64
N ASN A 191 6.15 -21.40 17.79
CA ASN A 191 6.33 -22.30 16.65
C ASN A 191 5.27 -22.08 15.56
N SER A 192 4.03 -21.83 15.97
CA SER A 192 2.94 -21.66 15.01
C SER A 192 3.10 -20.35 14.19
N PHE A 193 3.56 -19.29 14.87
CA PHE A 193 3.77 -17.98 14.26
C PHE A 193 4.93 -18.08 13.26
N GLU A 194 5.98 -18.79 13.64
CA GLU A 194 7.08 -19.09 12.74
C GLU A 194 6.60 -19.82 11.47
N THR A 195 5.74 -20.81 11.62
CA THR A 195 5.17 -21.46 10.45
C THR A 195 4.45 -20.43 9.56
N ARG A 196 3.66 -19.52 10.19
CA ARG A 196 2.83 -18.53 9.44
C ARG A 196 3.74 -17.63 8.59
N ILE A 197 4.82 -17.17 9.23
CA ILE A 197 5.78 -16.24 8.66
C ILE A 197 6.53 -16.89 7.50
N ASN A 198 6.94 -18.14 7.63
CA ASN A 198 7.61 -18.85 6.51
C ASN A 198 6.70 -19.01 5.27
N VAL A 199 5.42 -19.32 5.49
CA VAL A 199 4.45 -19.32 4.40
C VAL A 199 4.26 -17.95 3.74
N LEU A 200 4.11 -16.91 4.57
CA LEU A 200 3.98 -15.56 4.06
C LEU A 200 5.21 -15.14 3.20
N LEU A 201 6.42 -15.38 3.70
CA LEU A 201 7.64 -15.06 2.98
C LEU A 201 7.73 -15.84 1.65
N SER A 202 7.25 -17.08 1.69
CA SER A 202 7.25 -17.93 0.53
C SER A 202 6.44 -17.28 -0.61
N ASN A 203 5.22 -16.84 -0.31
CA ASN A 203 4.39 -16.14 -1.26
C ASN A 203 4.94 -14.77 -1.74
N ILE A 204 5.68 -14.06 -0.89
CA ILE A 204 6.36 -12.84 -1.28
C ILE A 204 7.32 -13.18 -2.42
N TYR A 205 8.27 -14.08 -2.14
CA TYR A 205 9.29 -14.44 -3.10
C TYR A 205 8.75 -15.07 -4.41
N LEU A 206 7.59 -15.74 -4.32
CA LEU A 206 6.98 -16.29 -5.51
C LEU A 206 6.54 -15.15 -6.46
N ASN A 207 6.02 -14.06 -5.89
CA ASN A 207 5.61 -12.93 -6.71
C ASN A 207 6.77 -12.06 -7.19
N GLU A 208 7.78 -11.87 -6.37
CA GLU A 208 9.00 -11.17 -6.79
C GLU A 208 9.93 -12.02 -7.72
N ASN A 209 9.44 -13.17 -8.19
CA ASN A 209 10.19 -14.12 -9.05
C ASN A 209 11.53 -14.72 -8.54
N ASN A 210 11.78 -14.70 -7.23
CA ASN A 210 12.95 -15.40 -6.65
C ASN A 210 12.57 -16.85 -6.29
N LEU A 211 12.60 -17.71 -7.31
CA LEU A 211 11.95 -19.00 -7.19
C LEU A 211 12.63 -19.93 -6.20
N GLU A 212 13.95 -19.83 -6.14
CA GLU A 212 14.75 -20.59 -5.17
C GLU A 212 14.49 -20.25 -3.69
N LEU A 213 14.39 -18.95 -3.41
CA LEU A 213 14.06 -18.49 -2.09
C LEU A 213 12.65 -18.95 -1.70
N CYS A 214 11.72 -18.84 -2.65
CA CYS A 214 10.34 -19.26 -2.45
C CYS A 214 10.23 -20.71 -1.98
N ARG A 215 10.99 -21.58 -2.63
CA ARG A 215 10.94 -23.01 -2.30
C ARG A 215 11.56 -23.28 -0.95
N GLU A 216 12.62 -22.55 -0.64
CA GLU A 216 13.32 -22.75 0.63
C GLU A 216 12.43 -22.38 1.84
N TYR A 217 11.66 -21.30 1.70
CA TYR A 217 10.75 -20.87 2.74
C TYR A 217 9.54 -21.78 2.89
N ALA A 218 9.08 -22.30 1.76
CA ALA A 218 7.98 -23.24 1.79
C ALA A 218 8.42 -24.55 2.50
N GLN A 219 9.62 -25.03 2.17
CA GLN A 219 10.14 -26.21 2.84
C GLN A 219 10.33 -25.99 4.36
N LYS A 220 10.86 -24.82 4.77
CA LYS A 220 11.02 -24.52 6.21
C LYS A 220 9.68 -24.65 6.95
N ALA A 221 8.61 -24.19 6.30
CA ALA A 221 7.27 -24.28 6.85
C ALA A 221 6.79 -25.75 6.95
N ILE A 222 6.96 -26.52 5.85
CA ILE A 222 6.62 -27.92 5.86
C ILE A 222 7.33 -28.69 6.99
N SER A 223 8.61 -28.42 7.17
CA SER A 223 9.43 -29.10 8.22
C SER A 223 8.92 -28.85 9.64
N SER A 224 8.41 -27.65 9.87
CA SER A 224 8.00 -27.17 11.18
C SER A 224 6.56 -27.52 11.58
N THR A 225 5.81 -28.28 10.75
CA THR A 225 4.33 -28.33 10.94
C THR A 225 3.64 -29.65 10.57
N ASP A 226 2.52 -29.90 11.19
CA ASP A 226 1.60 -30.94 10.75
C ASP A 226 0.18 -30.39 10.59
N THR A 227 0.03 -29.07 10.56
CA THR A 227 -1.28 -28.45 10.32
C THR A 227 -1.59 -28.50 8.80
N GLN A 228 -2.71 -29.11 8.46
CA GLN A 228 -3.16 -29.34 7.12
C GLN A 228 -3.17 -28.05 6.24
N ARG A 229 -3.82 -27.00 6.75
CA ARG A 229 -3.83 -25.69 6.09
C ARG A 229 -2.42 -25.24 5.55
N PHE A 230 -1.39 -25.27 6.43
CA PHE A 230 -0.05 -24.83 6.06
C PHE A 230 0.67 -25.78 5.11
N LEU A 231 0.42 -27.06 5.28
CA LEU A 231 0.96 -28.07 4.35
C LEU A 231 0.41 -27.86 2.93
N VAL A 232 -0.92 -27.70 2.84
CA VAL A 232 -1.62 -27.45 1.61
C VAL A 232 -1.06 -26.21 0.90
N PHE A 233 -1.03 -25.04 1.57
CA PHE A 233 -0.53 -23.84 0.91
C PHE A 233 0.94 -23.87 0.58
N SER A 234 1.76 -24.58 1.40
CA SER A 234 3.18 -24.71 1.07
C SER A 234 3.38 -25.54 -0.21
N TYR A 235 2.73 -26.68 -0.32
CA TYR A 235 2.84 -27.49 -1.54
C TYR A 235 2.22 -26.79 -2.78
N LEU A 236 1.19 -25.97 -2.57
CA LEU A 236 0.58 -25.24 -3.68
C LEU A 236 1.58 -24.23 -4.26
N THR A 237 2.21 -23.48 -3.38
CA THR A 237 3.29 -22.59 -3.71
C THR A 237 4.47 -23.31 -4.42
N ILE A 238 4.96 -24.42 -3.86
CA ILE A 238 6.04 -25.17 -4.52
C ILE A 238 5.62 -25.64 -5.93
N GLY A 239 4.43 -26.21 -6.04
CA GLY A 239 3.87 -26.60 -7.36
C GLY A 239 3.92 -25.44 -8.37
N THR A 240 3.42 -24.29 -7.93
CA THR A 240 3.35 -23.08 -8.77
C THR A 240 4.72 -22.58 -9.16
N SER A 241 5.66 -22.61 -8.22
CA SER A 241 7.03 -22.18 -8.51
C SER A 241 7.71 -22.96 -9.69
N TYR A 242 7.22 -24.16 -9.98
CA TYR A 242 7.79 -25.01 -11.03
C TYR A 242 7.03 -25.00 -12.38
N ILE A 243 5.89 -24.27 -12.48
CA ILE A 243 5.00 -24.39 -13.66
C ILE A 243 5.74 -24.21 -14.99
N PHE A 244 6.58 -23.16 -15.07
CA PHE A 244 7.26 -22.78 -16.30
C PHE A 244 8.58 -23.51 -16.58
N SER A 245 9.10 -24.21 -15.58
CA SER A 245 10.45 -24.75 -15.70
C SER A 245 10.59 -26.28 -15.63
N ASP A 246 9.59 -26.99 -15.11
CA ASP A 246 9.71 -28.42 -14.87
C ASP A 246 8.35 -29.04 -14.60
N PHE A 247 7.80 -29.65 -15.64
CA PHE A 247 6.48 -30.25 -15.61
C PHE A 247 6.40 -31.23 -14.46
N ASN A 248 7.39 -32.11 -14.38
CA ASN A 248 7.31 -33.25 -13.49
C ASN A 248 7.34 -32.87 -11.99
N LEU A 249 8.23 -31.96 -11.63
CA LEU A 249 8.30 -31.48 -10.23
C LEU A 249 7.04 -30.70 -9.84
N SER A 250 6.55 -29.86 -10.77
CA SER A 250 5.26 -29.18 -10.57
C SER A 250 4.15 -30.16 -10.27
N LYS A 251 3.97 -31.15 -11.14
CA LYS A 251 2.94 -32.17 -10.93
C LYS A 251 3.10 -32.91 -9.60
N GLN A 252 4.30 -33.38 -9.29
CA GLN A 252 4.48 -34.25 -8.10
C GLN A 252 4.24 -33.46 -6.82
N ASN A 253 4.67 -32.20 -6.81
CA ASN A 253 4.38 -31.30 -5.68
C ASN A 253 2.90 -31.05 -5.51
N TYR A 254 2.17 -30.87 -6.62
CA TYR A 254 0.70 -30.77 -6.54
C TYR A 254 0.05 -32.07 -6.04
N LEU A 255 0.57 -33.23 -6.46
CA LEU A 255 -0.01 -34.50 -6.00
C LEU A 255 0.24 -34.74 -4.52
N ILE A 256 1.44 -34.43 -4.02
CA ILE A 256 1.70 -34.50 -2.57
C ILE A 256 0.78 -33.56 -1.77
N GLY A 257 0.67 -32.31 -2.22
CA GLY A 257 -0.31 -31.39 -1.67
C GLY A 257 -1.72 -31.86 -1.65
N LEU A 258 -2.18 -32.38 -2.81
CA LEU A 258 -3.51 -32.97 -2.92
C LEU A 258 -3.79 -34.10 -1.88
N LYS A 259 -2.80 -34.95 -1.65
CA LYS A 259 -2.89 -36.01 -0.65
CA LYS A 259 -2.87 -36.02 -0.64
C LYS A 259 -3.07 -35.40 0.75
N PHE A 260 -2.27 -34.39 1.09
CA PHE A 260 -2.44 -33.70 2.38
C PHE A 260 -3.79 -33.00 2.51
N ALA A 261 -4.39 -32.65 1.38
CA ALA A 261 -5.68 -31.95 1.39
C ALA A 261 -6.87 -32.87 1.61
N LYS A 262 -6.63 -34.19 1.57
CA LYS A 262 -7.71 -35.21 1.63
C LYS A 262 -8.75 -34.92 2.70
N GLY A 263 -10.01 -34.92 2.28
CA GLY A 263 -11.12 -34.66 3.19
C GLY A 263 -11.45 -33.22 3.48
N ASN A 264 -10.83 -32.28 2.76
CA ASN A 264 -11.27 -30.89 2.76
C ASN A 264 -11.51 -30.49 1.30
N PRO A 265 -12.78 -30.60 0.82
CA PRO A 265 -13.13 -30.26 -0.57
C PRO A 265 -12.58 -28.93 -1.11
N GLY A 266 -12.65 -27.86 -0.30
CA GLY A 266 -12.13 -26.55 -0.65
C GLY A 266 -10.61 -26.55 -0.94
N PHE A 267 -9.81 -27.14 -0.04
CA PHE A 267 -8.38 -27.36 -0.29
C PHE A 267 -8.13 -28.26 -1.54
N GLU A 268 -8.92 -29.31 -1.72
CA GLU A 268 -8.72 -30.20 -2.86
C GLU A 268 -8.88 -29.50 -4.21
N GLU A 269 -9.85 -28.60 -4.29
CA GLU A 269 -10.12 -27.78 -5.48
C GLU A 269 -8.96 -26.97 -6.03
N PHE A 270 -8.18 -26.38 -5.14
CA PHE A 270 -7.02 -25.59 -5.54
C PHE A 270 -6.08 -26.46 -6.38
N PHE A 271 -5.86 -27.71 -5.94
CA PHE A 271 -4.95 -28.61 -6.62
C PHE A 271 -5.51 -29.14 -7.94
N LYS A 272 -6.81 -29.46 -7.95
CA LYS A 272 -7.45 -29.89 -9.18
C LYS A 272 -7.36 -28.83 -10.31
N ARG A 273 -7.62 -27.56 -9.98
CA ARG A 273 -7.55 -26.48 -10.93
C ARG A 273 -6.12 -26.20 -11.42
N ASN A 274 -5.17 -26.12 -10.48
CA ASN A 274 -3.77 -26.01 -10.86
C ASN A 274 -3.29 -27.19 -11.71
N LEU A 275 -3.67 -28.42 -11.37
CA LEU A 275 -3.30 -29.58 -12.18
C LEU A 275 -3.89 -29.53 -13.59
N SER A 276 -5.15 -29.10 -13.68
CA SER A 276 -5.82 -28.92 -14.94
C SER A 276 -5.04 -27.92 -15.82
N PHE A 277 -4.66 -26.78 -15.26
CA PHE A 277 -3.91 -25.81 -16.01
C PHE A 277 -2.54 -26.38 -16.43
N LEU A 278 -1.82 -26.95 -15.46
CA LEU A 278 -0.49 -27.49 -15.75
C LEU A 278 -0.54 -28.46 -16.93
N ASN A 279 -1.45 -29.43 -16.88
CA ASN A 279 -1.53 -30.45 -17.94
C ASN A 279 -1.87 -29.86 -19.34
N ASN A 280 -2.72 -28.85 -19.36
CA ASN A 280 -3.01 -28.11 -20.58
C ASN A 280 -1.77 -27.33 -21.13
N PHE A 281 -1.12 -26.55 -20.29
CA PHE A 281 0.04 -25.76 -20.68
C PHE A 281 1.17 -26.60 -21.28
N TRP A 282 1.35 -27.82 -20.78
CA TRP A 282 2.41 -28.74 -21.24
C TRP A 282 1.92 -29.78 -22.24
N ASN A 283 0.67 -29.63 -22.71
CA ASN A 283 0.06 -30.48 -23.72
C ASN A 283 0.13 -31.98 -23.32
N LYS A 284 -0.44 -32.27 -22.15
CA LYS A 284 -0.54 -33.63 -21.61
C LYS A 284 -1.99 -34.03 -21.50
N GLU A 285 -2.26 -35.31 -21.53
CA GLU A 285 -3.59 -35.82 -21.26
C GLU A 285 -4.03 -35.36 -19.87
N ASN A 286 -5.24 -34.86 -19.79
CA ASN A 286 -5.73 -34.11 -18.67
C ASN A 286 -6.93 -34.86 -18.09
N GLU A 287 -6.78 -35.39 -16.88
CA GLU A 287 -7.91 -36.03 -16.21
C GLU A 287 -8.72 -35.09 -15.32
N TRP A 288 -8.26 -33.84 -15.19
CA TRP A 288 -8.75 -32.94 -14.14
C TRP A 288 -9.87 -31.99 -14.52
N ILE A 289 -10.25 -31.97 -15.80
CA ILE A 289 -11.17 -30.95 -16.32
C ILE A 289 -12.58 -31.17 -15.81
N ASN A 290 -13.22 -30.06 -15.48
CA ASN A 290 -14.57 -30.03 -15.00
C ASN A 290 -15.48 -29.59 -16.15
N TYR A 291 -16.09 -30.55 -16.83
CA TYR A 291 -16.96 -30.24 -18.00
C TYR A 291 -18.31 -29.66 -17.66
N ASP A 292 -18.67 -29.73 -16.38
CA ASP A 292 -19.99 -29.36 -15.87
C ASP A 292 -20.07 -27.96 -15.33
N SER A 293 -18.96 -27.50 -14.77
CA SER A 293 -18.83 -26.18 -14.17
C SER A 293 -19.14 -25.10 -15.19
N ASP A 294 -19.84 -24.06 -14.75
CA ASP A 294 -20.11 -22.91 -15.63
C ASP A 294 -19.36 -21.63 -15.14
N ALA A 295 -18.42 -21.84 -14.23
CA ALA A 295 -17.43 -20.81 -13.88
C ALA A 295 -16.45 -20.62 -15.04
N VAL A 296 -16.17 -19.36 -15.31
CA VAL A 296 -15.29 -18.96 -16.39
C VAL A 296 -13.94 -19.74 -16.44
N THR A 297 -13.23 -19.79 -15.32
CA THR A 297 -11.91 -20.45 -15.24
C THR A 297 -11.94 -21.90 -15.76
N ASP A 298 -12.97 -22.64 -15.37
CA ASP A 298 -13.14 -24.04 -15.73
C ASP A 298 -13.48 -24.20 -17.21
N MET A 299 -14.33 -23.30 -17.72
CA MET A 299 -14.76 -23.31 -19.12
C MET A 299 -13.59 -22.99 -20.07
N GLN A 300 -12.68 -22.12 -19.61
CA GLN A 300 -11.43 -21.83 -20.32
C GLN A 300 -10.52 -23.04 -20.40
N GLU A 301 -10.45 -23.83 -19.32
CA GLU A 301 -9.66 -25.05 -19.35
C GLU A 301 -10.20 -26.05 -20.39
N VAL A 302 -11.53 -26.06 -20.62
CA VAL A 302 -12.13 -26.93 -21.63
C VAL A 302 -11.75 -26.44 -23.03
N ILE A 303 -11.74 -25.12 -23.25
CA ILE A 303 -11.30 -24.56 -24.53
C ILE A 303 -9.83 -24.91 -24.81
N PHE A 304 -8.97 -24.74 -23.80
CA PHE A 304 -7.52 -25.04 -23.90
C PHE A 304 -7.29 -26.52 -24.33
N GLU A 305 -8.08 -27.44 -23.76
CA GLU A 305 -7.96 -28.84 -24.14
C GLU A 305 -8.38 -29.10 -25.63
N LEU A 306 -9.50 -28.54 -26.06
CA LEU A 306 -9.87 -28.57 -27.48
C LEU A 306 -8.70 -28.09 -28.40
N ILE A 307 -8.05 -27.00 -28.01
CA ILE A 307 -6.90 -26.47 -28.77
C ILE A 307 -5.71 -27.44 -28.88
N ASN A 308 -5.35 -28.09 -27.77
CA ASN A 308 -4.30 -29.09 -27.76
C ASN A 308 -4.64 -30.27 -28.67
N HIS A 309 -5.94 -30.51 -28.87
CA HIS A 309 -6.41 -31.59 -29.78
C HIS A 309 -6.72 -31.08 -31.20
N LYS A 310 -6.28 -29.86 -31.51
CA LYS A 310 -6.41 -29.26 -32.84
C LYS A 310 -7.89 -29.14 -33.29
N GLU A 311 -8.83 -29.16 -32.34
CA GLU A 311 -10.23 -28.86 -32.58
C GLU A 311 -10.46 -27.34 -32.56
N LEU A 312 -9.77 -26.61 -33.44
CA LEU A 312 -9.81 -25.17 -33.48
C LEU A 312 -11.19 -24.56 -33.71
N SER A 313 -12.01 -25.19 -34.55
CA SER A 313 -13.35 -24.69 -34.83
C SER A 313 -14.27 -24.73 -33.60
N LYS A 314 -14.38 -25.88 -32.94
CA LYS A 314 -15.09 -25.99 -31.65
C LYS A 314 -14.58 -25.06 -30.55
N ALA A 315 -13.26 -24.90 -30.44
CA ALA A 315 -12.66 -24.03 -29.45
C ALA A 315 -13.07 -22.59 -29.69
N LEU A 316 -13.06 -22.19 -30.96
CA LEU A 316 -13.45 -20.82 -31.39
C LEU A 316 -14.88 -20.50 -31.08
N GLN A 317 -15.77 -21.47 -31.28
CA GLN A 317 -17.20 -21.30 -31.01
C GLN A 317 -17.44 -21.11 -29.51
N LEU A 318 -16.82 -21.94 -28.66
CA LEU A 318 -16.95 -21.83 -27.18
C LEU A 318 -16.29 -20.58 -26.61
N LEU A 319 -15.25 -20.14 -27.28
CA LEU A 319 -14.59 -18.90 -26.93
C LEU A 319 -15.47 -17.66 -27.25
N ASN A 320 -16.13 -17.66 -28.41
CA ASN A 320 -17.08 -16.58 -28.77
C ASN A 320 -18.29 -16.51 -27.85
N LYS A 321 -18.85 -17.67 -27.49
CA LYS A 321 -19.86 -17.80 -26.44
C LYS A 321 -19.46 -17.10 -25.14
N LEU A 322 -18.22 -17.33 -24.69
CA LEU A 322 -17.69 -16.74 -23.46
C LEU A 322 -17.52 -15.22 -23.50
N GLU A 323 -17.27 -14.69 -24.69
CA GLU A 323 -17.08 -13.26 -24.93
C GLU A 323 -18.32 -12.44 -24.58
N GLU A 324 -19.49 -13.08 -24.74
CA GLU A 324 -20.80 -12.51 -24.41
C GLU A 324 -20.96 -12.18 -22.92
N ARG A 325 -20.37 -13.02 -22.07
CA ARG A 325 -20.51 -12.90 -20.62
C ARG A 325 -19.51 -11.89 -19.99
N ASP A 326 -19.84 -11.34 -18.82
CA ASP A 326 -18.93 -10.45 -18.07
C ASP A 326 -17.68 -11.13 -17.51
N GLN A 327 -16.51 -10.54 -17.81
CA GLN A 327 -15.20 -11.09 -17.41
C GLN A 327 -14.32 -10.01 -16.81
N ASN A 328 -13.67 -10.32 -15.70
CA ASN A 328 -12.67 -9.39 -15.17
C ASN A 328 -11.39 -9.46 -16.00
N GLU A 329 -10.41 -8.66 -15.61
CA GLU A 329 -9.19 -8.47 -16.39
C GLU A 329 -8.27 -9.70 -16.45
N ASN A 330 -8.19 -10.43 -15.35
CA ASN A 330 -7.37 -11.61 -15.29
C ASN A 330 -7.89 -12.72 -16.21
N GLU A 331 -9.22 -12.80 -16.32
CA GLU A 331 -9.86 -13.76 -17.19
C GLU A 331 -9.71 -13.32 -18.66
N LEU A 332 -9.74 -12.00 -18.89
CA LEU A 332 -9.61 -11.49 -20.24
C LEU A 332 -8.21 -11.78 -20.78
N GLY A 333 -7.22 -11.75 -19.90
CA GLY A 333 -5.84 -12.06 -20.25
C GLY A 333 -5.74 -13.48 -20.79
N PHE A 334 -6.37 -14.39 -20.05
CA PHE A 334 -6.43 -15.78 -20.40
C PHE A 334 -7.25 -15.95 -21.70
N HIS A 335 -8.37 -15.24 -21.80
CA HIS A 335 -9.20 -15.25 -22.99
C HIS A 335 -8.42 -14.93 -24.28
N TYR A 336 -7.63 -13.85 -24.24
CA TYR A 336 -6.91 -13.43 -25.42
C TYR A 336 -5.71 -14.31 -25.72
N TYR A 337 -5.20 -14.98 -24.69
CA TYR A 337 -4.10 -15.89 -24.88
C TYR A 337 -4.60 -17.09 -25.69
N LEU A 338 -5.76 -17.65 -25.32
CA LEU A 338 -6.39 -18.73 -26.06
C LEU A 338 -6.72 -18.31 -27.49
N LYS A 339 -7.25 -17.09 -27.66
CA LYS A 339 -7.56 -16.60 -29.01
C LYS A 339 -6.29 -16.60 -29.87
N GLY A 340 -5.20 -16.13 -29.28
CA GLY A 340 -3.91 -16.11 -29.95
C GLY A 340 -3.40 -17.48 -30.37
N LEU A 341 -3.59 -18.50 -29.53
CA LEU A 341 -3.17 -19.86 -29.90
C LEU A 341 -3.99 -20.40 -31.07
N ILE A 342 -5.27 -20.01 -31.17
CA ILE A 342 -6.14 -20.45 -32.26
C ILE A 342 -5.76 -19.77 -33.57
N THR A 343 -5.68 -18.43 -33.54
CA THR A 343 -5.59 -17.58 -34.74
C THR A 343 -4.15 -17.19 -35.14
N ASN A 344 -3.17 -17.40 -34.25
CA ASN A 344 -1.78 -16.98 -34.47
C ASN A 344 -1.59 -15.47 -34.76
N GLU A 345 -2.45 -14.63 -34.21
CA GLU A 345 -2.39 -13.18 -34.41
C GLU A 345 -1.61 -12.55 -33.24
N LYS A 346 -0.56 -11.78 -33.55
CA LYS A 346 0.22 -11.09 -32.51
C LYS A 346 -0.65 -10.21 -31.60
N GLU A 347 -1.63 -9.51 -32.19
CA GLU A 347 -2.54 -8.61 -31.47
C GLU A 347 -3.18 -9.26 -30.26
N ALA A 348 -3.68 -10.49 -30.44
CA ALA A 348 -4.30 -11.21 -29.34
C ALA A 348 -3.30 -11.37 -28.16
N PHE A 349 -2.05 -11.74 -28.46
CA PHE A 349 -1.02 -11.87 -27.42
C PHE A 349 -0.63 -10.56 -26.72
N PHE A 350 -0.55 -9.47 -27.48
CA PHE A 350 -0.35 -8.14 -26.92
C PHE A 350 -1.48 -7.73 -25.97
N LYS A 351 -2.74 -7.92 -26.39
CA LYS A 351 -3.87 -7.64 -25.50
C LYS A 351 -3.79 -8.47 -24.21
N SER A 352 -3.50 -9.75 -24.40
CA SER A 352 -3.29 -10.67 -23.28
C SER A 352 -2.27 -10.14 -22.27
N VAL A 353 -1.14 -9.63 -22.76
CA VAL A 353 -0.09 -9.06 -21.90
C VAL A 353 -0.66 -7.86 -21.12
N GLU A 354 -1.34 -6.96 -21.85
CA GLU A 354 -1.99 -5.80 -21.22
C GLU A 354 -2.98 -6.17 -20.11
N TYR A 355 -3.87 -7.11 -20.41
CA TYR A 355 -4.81 -7.53 -19.38
C TYR A 355 -4.13 -8.13 -18.16
N PHE A 356 -3.14 -9.01 -18.36
CA PHE A 356 -2.44 -9.57 -17.23
C PHE A 356 -1.64 -8.51 -16.44
N LYS A 357 -1.06 -7.53 -17.15
CA LYS A 357 -0.36 -6.44 -16.46
C LYS A 357 -1.34 -5.59 -15.65
N ALA A 358 -2.46 -5.17 -16.28
CA ALA A 358 -3.54 -4.43 -15.58
C ALA A 358 -4.10 -5.16 -14.36
N SER A 359 -4.12 -6.49 -14.36
CA SER A 359 -4.64 -7.22 -13.22
C SER A 359 -3.56 -7.63 -12.21
N GLN A 360 -2.34 -7.13 -12.40
CA GLN A 360 -1.21 -7.35 -11.47
C GLN A 360 -0.84 -8.82 -11.25
N ASP A 361 -1.04 -9.64 -12.28
CA ASP A 361 -0.67 -11.05 -12.25
C ASP A 361 0.72 -11.17 -12.87
N LYS A 362 1.73 -11.29 -12.01
CA LYS A 362 3.12 -11.42 -12.46
C LYS A 362 3.51 -12.85 -12.90
N LEU A 363 2.60 -13.80 -12.73
CA LEU A 363 2.87 -15.15 -13.20
C LEU A 363 2.36 -15.49 -14.61
N SER A 364 1.05 -15.34 -14.83
CA SER A 364 0.41 -15.71 -16.09
C SER A 364 0.87 -14.88 -17.28
N ILE A 365 1.33 -13.66 -17.01
CA ILE A 365 1.89 -12.77 -18.00
C ILE A 365 3.02 -13.46 -18.81
N LYS A 366 3.68 -14.45 -18.20
CA LYS A 366 4.76 -15.16 -18.88
C LYS A 366 4.27 -15.96 -20.09
N MET A 367 3.02 -16.41 -20.04
CA MET A 367 2.46 -17.19 -21.15
C MET A 367 2.42 -16.44 -22.50
N PRO A 368 1.75 -15.27 -22.58
CA PRO A 368 1.75 -14.58 -23.90
C PRO A 368 3.12 -14.04 -24.26
N LEU A 369 3.93 -13.73 -23.23
CA LEU A 369 5.33 -13.29 -23.42
C LEU A 369 6.19 -14.33 -24.11
N ILE A 370 6.13 -15.58 -23.66
CA ILE A 370 6.79 -16.72 -24.32
C ILE A 370 6.32 -16.84 -25.78
N GLN A 371 5.00 -16.73 -26.03
CA GLN A 371 4.53 -16.77 -27.41
C GLN A 371 5.09 -15.66 -28.28
N LEU A 372 5.11 -14.43 -27.75
CA LEU A 372 5.58 -13.31 -28.52
C LEU A 372 7.06 -13.47 -28.89
N GLU A 373 7.88 -14.05 -28.00
CA GLU A 373 9.29 -14.33 -28.31
C GLU A 373 9.39 -15.32 -29.48
N LYS A 374 8.62 -16.42 -29.42
CA LYS A 374 8.53 -17.39 -30.52
C LYS A 374 8.15 -16.75 -31.86
N MET A 375 7.36 -15.68 -31.82
CA MET A 375 6.96 -14.98 -33.06
C MET A 375 7.95 -13.90 -33.48
N GLY A 376 9.10 -13.87 -32.81
CA GLY A 376 10.20 -12.97 -33.17
C GLY A 376 10.23 -11.57 -32.56
N GLU A 377 9.46 -11.33 -31.50
CA GLU A 377 9.52 -10.03 -30.82
C GLU A 377 10.81 -9.96 -30.01
N ASN A 378 11.26 -8.74 -29.72
CA ASN A 378 12.59 -8.53 -29.11
C ASN A 378 12.66 -8.99 -27.66
N PRO A 379 13.50 -10.02 -27.36
CA PRO A 379 13.57 -10.57 -25.97
C PRO A 379 13.94 -9.53 -24.91
N ARG A 380 14.81 -8.59 -25.29
CA ARG A 380 15.27 -7.53 -24.37
C ARG A 380 14.15 -6.59 -23.85
N LEU A 381 13.18 -6.34 -24.70
CA LEU A 381 12.01 -5.51 -24.44
C LEU A 381 10.93 -6.31 -23.71
N LEU A 382 10.73 -7.57 -24.10
CA LEU A 382 9.86 -8.51 -23.37
C LEU A 382 10.24 -8.67 -21.88
N LYS A 383 11.53 -8.83 -21.62
CA LYS A 383 12.05 -8.90 -20.27
C LYS A 383 11.68 -7.65 -19.45
N ILE A 384 11.75 -6.45 -20.06
CA ILE A 384 11.46 -5.18 -19.37
C ILE A 384 10.01 -5.11 -18.86
N ILE A 385 9.06 -5.69 -19.61
CA ILE A 385 7.66 -5.71 -19.22
C ILE A 385 7.42 -6.42 -17.85
N THR A 386 8.20 -7.46 -17.56
CA THR A 386 7.96 -8.31 -16.36
C THR A 386 8.56 -7.70 -15.09
N MET A 387 9.56 -6.81 -15.25
CA MET A 387 10.16 -6.02 -14.13
C MET A 387 9.17 -5.36 -13.16
N MET B 2 -0.27 42.05 23.81
CA MET B 2 -0.60 42.94 22.64
C MET B 2 0.09 42.65 21.26
N GLU B 3 -0.72 42.11 20.35
CA GLU B 3 -0.26 41.58 19.05
C GLU B 3 0.21 42.68 18.09
N LEU B 4 1.33 42.42 17.41
CA LEU B 4 1.88 43.33 16.40
C LEU B 4 0.87 43.77 15.32
N ILE B 5 -0.03 42.86 14.94
CA ILE B 5 -1.04 43.15 13.91
C ILE B 5 -2.08 44.19 14.40
N ARG B 6 -2.42 44.13 15.69
CA ARG B 6 -3.35 45.09 16.28
C ARG B 6 -2.71 46.47 16.43
N ILE B 7 -1.40 46.49 16.72
CA ILE B 7 -0.59 47.72 16.78
C ILE B 7 -0.55 48.41 15.40
N ALA B 8 -0.17 47.67 14.36
CA ALA B 8 -0.16 48.21 13.00
C ALA B 8 -1.56 48.72 12.56
N MET B 9 -2.61 47.95 12.85
CA MET B 9 -3.99 48.32 12.44
C MET B 9 -4.53 49.60 13.12
N LYS B 10 -4.36 49.69 14.45
CA LYS B 10 -4.69 50.90 15.22
C LYS B 10 -3.95 52.13 14.69
N LYS B 11 -2.66 51.95 14.38
CA LYS B 11 -1.78 52.98 13.82
C LYS B 11 -2.29 53.47 12.46
N ASP B 12 -2.64 52.54 11.57
CA ASP B 12 -3.05 52.89 10.21
C ASP B 12 -4.45 53.50 10.18
N LEU B 13 -5.29 53.09 11.14
CA LEU B 13 -6.64 53.61 11.34
C LEU B 13 -6.67 55.06 11.87
N GLU B 14 -5.66 55.41 12.67
CA GLU B 14 -5.49 56.76 13.20
C GLU B 14 -5.29 57.77 12.06
N ASN B 15 -4.63 57.32 11.00
CA ASN B 15 -4.33 58.15 9.83
C ASN B 15 -5.40 58.08 8.72
N ASP B 16 -6.28 57.08 8.79
CA ASP B 16 -7.22 56.79 7.73
C ASP B 16 -8.43 56.01 8.27
N ASN B 17 -9.47 56.75 8.67
CA ASN B 17 -10.75 56.19 9.19
C ASN B 17 -11.52 55.25 8.25
N SER B 18 -11.36 55.43 6.94
CA SER B 18 -12.05 54.64 5.91
C SER B 18 -11.54 53.20 5.77
N LEU B 19 -10.41 52.87 6.40
CA LEU B 19 -9.88 51.50 6.42
C LEU B 19 -10.79 50.51 7.12
N MET B 20 -11.51 50.97 8.14
CA MET B 20 -12.44 50.11 8.90
C MET B 20 -13.45 49.37 8.01
N ASN B 21 -14.12 50.10 7.13
CA ASN B 21 -15.11 49.53 6.22
C ASN B 21 -14.49 48.71 5.08
N LYS B 22 -13.25 49.07 4.73
CA LYS B 22 -12.42 48.34 3.75
C LYS B 22 -12.04 46.95 4.30
N TRP B 23 -11.44 46.91 5.50
CA TRP B 23 -11.11 45.67 6.20
C TRP B 23 -12.32 44.80 6.53
N ALA B 24 -13.47 45.40 6.85
CA ALA B 24 -14.70 44.65 7.10
C ALA B 24 -15.13 43.80 5.90
N THR B 25 -15.21 44.41 4.72
CA THR B 25 -15.63 43.68 3.49
C THR B 25 -14.60 42.61 3.03
N VAL B 26 -13.32 42.95 3.14
CA VAL B 26 -12.20 42.01 2.83
C VAL B 26 -12.18 40.75 3.73
N ALA B 27 -12.59 40.92 4.98
CA ALA B 27 -12.81 39.84 5.98
C ALA B 27 -14.07 38.98 5.79
N GLY B 28 -14.99 39.41 4.90
CA GLY B 28 -16.26 38.72 4.64
C GLY B 28 -17.39 38.95 5.63
N LEU B 29 -17.36 40.07 6.34
CA LEU B 29 -18.40 40.40 7.32
C LEU B 29 -19.44 41.35 6.74
N LYS B 30 -20.73 41.13 7.03
CA LYS B 30 -21.80 42.02 6.56
C LYS B 30 -21.83 43.38 7.29
N ASN B 31 -21.11 43.45 8.42
CA ASN B 31 -21.17 44.56 9.38
C ASN B 31 -19.82 44.67 10.13
N PRO B 32 -19.32 45.91 10.40
CA PRO B 32 -17.98 46.02 11.01
C PRO B 32 -17.82 45.72 12.55
N ASN B 33 -18.90 45.49 13.28
CA ASN B 33 -18.84 45.24 14.76
C ASN B 33 -17.76 44.25 15.28
N PRO B 34 -17.68 43.01 14.69
CA PRO B 34 -16.63 42.08 15.13
C PRO B 34 -15.22 42.67 15.03
N LEU B 35 -15.02 43.55 14.05
CA LEU B 35 -13.74 44.23 13.89
C LEU B 35 -13.46 45.31 14.97
N TYR B 36 -14.48 46.11 15.35
CA TYR B 36 -14.36 47.06 16.48
C TYR B 36 -13.95 46.26 17.74
N ASP B 37 -14.61 45.10 17.92
CA ASP B 37 -14.36 44.20 19.05
C ASP B 37 -12.93 43.65 19.03
N PHE B 38 -12.48 43.20 17.87
CA PHE B 38 -11.15 42.63 17.67
C PHE B 38 -10.07 43.63 18.04
N LEU B 39 -10.21 44.88 17.56
CA LEU B 39 -9.26 45.96 17.90
C LEU B 39 -9.22 46.35 19.40
N ASN B 40 -10.39 46.38 20.06
CA ASN B 40 -10.50 46.94 21.43
C ASN B 40 -10.26 45.98 22.58
N HIS B 41 -10.79 44.75 22.47
CA HIS B 41 -10.81 43.82 23.61
C HIS B 41 -9.93 42.61 23.33
N ASP B 42 -8.97 42.39 24.22
CA ASP B 42 -8.01 41.28 24.16
C ASP B 42 -8.73 39.94 24.06
N GLY B 43 -8.25 39.10 23.15
CA GLY B 43 -8.78 37.73 22.98
C GLY B 43 -10.02 37.56 22.12
N LYS B 44 -10.55 38.66 21.56
CA LYS B 44 -11.72 38.55 20.68
C LYS B 44 -11.37 38.07 19.26
N THR B 45 -11.89 36.92 18.87
CA THR B 45 -11.57 36.35 17.55
C THR B 45 -12.77 36.49 16.60
N PHE B 46 -12.49 36.42 15.31
CA PHE B 46 -13.54 36.35 14.31
C PHE B 46 -14.09 34.91 14.27
N ASN B 47 -15.32 34.76 13.77
CA ASN B 47 -15.92 33.44 13.56
C ASN B 47 -15.09 32.57 12.58
N GLU B 48 -14.55 33.20 11.54
CA GLU B 48 -13.75 32.51 10.51
C GLU B 48 -12.30 33.00 10.48
N PHE B 49 -11.35 32.07 10.41
CA PHE B 49 -9.92 32.46 10.35
C PHE B 49 -9.53 33.23 9.07
N SER B 50 -10.29 33.03 7.99
CA SER B 50 -10.12 33.82 6.74
C SER B 50 -10.20 35.32 6.97
N SER B 51 -10.98 35.76 7.94
CA SER B 51 -11.08 37.19 8.23
C SER B 51 -9.71 37.85 8.42
N ILE B 52 -8.91 37.30 9.34
CA ILE B 52 -7.60 37.87 9.65
C ILE B 52 -6.53 37.60 8.58
N VAL B 53 -6.56 36.41 7.96
CA VAL B 53 -5.65 36.06 6.86
C VAL B 53 -5.84 37.05 5.70
N ASN B 54 -7.10 37.25 5.30
CA ASN B 54 -7.42 38.20 4.24
C ASN B 54 -7.04 39.64 4.54
N ILE B 55 -7.29 40.12 5.76
CA ILE B 55 -6.86 41.46 6.17
C ILE B 55 -5.33 41.60 6.02
N VAL B 56 -4.57 40.66 6.60
CA VAL B 56 -3.09 40.63 6.52
C VAL B 56 -2.56 40.52 5.07
N LYS B 57 -3.15 39.64 4.24
CA LYS B 57 -2.73 39.51 2.82
C LYS B 57 -2.96 40.78 2.01
N SER B 58 -3.98 41.53 2.38
CA SER B 58 -4.42 42.72 1.65
C SER B 58 -3.66 43.98 2.08
N GLN B 59 -3.55 44.18 3.39
CA GLN B 59 -2.99 45.40 3.97
C GLN B 59 -1.48 45.32 4.20
N TYR B 60 -0.96 44.15 4.55
CA TYR B 60 0.47 44.00 4.83
C TYR B 60 1.11 42.83 4.07
N PRO B 61 1.00 42.83 2.72
CA PRO B 61 1.37 41.58 1.99
C PRO B 61 2.82 41.12 2.23
N ASP B 62 3.74 42.07 2.30
CA ASP B 62 5.16 41.78 2.53
C ASP B 62 5.52 41.32 3.94
N ARG B 63 4.57 41.44 4.87
CA ARG B 63 4.83 41.20 6.30
C ARG B 63 4.06 39.97 6.85
N GLU B 64 3.57 39.12 5.94
CA GLU B 64 2.64 38.03 6.30
C GLU B 64 3.24 37.13 7.38
N TYR B 65 4.45 36.61 7.12
CA TYR B 65 5.09 35.72 8.06
C TYR B 65 5.26 36.33 9.49
N GLU B 66 5.91 37.50 9.60
CA GLU B 66 6.11 38.13 10.93
C GLU B 66 4.78 38.34 11.70
N LEU B 67 3.78 38.92 11.02
CA LEU B 67 2.53 39.28 11.67
C LEU B 67 1.74 38.08 12.12
N MET B 68 1.65 37.08 11.24
CA MET B 68 0.96 35.84 11.55
C MET B 68 1.64 35.00 12.63
N LYS B 69 2.98 34.98 12.61
CA LYS B 69 3.73 34.31 13.68
C LYS B 69 3.36 34.87 15.07
N ASP B 70 3.52 36.20 15.22
CA ASP B 70 3.15 36.88 16.45
C ASP B 70 1.68 36.66 16.84
N TYR B 71 0.75 36.82 15.90
CA TYR B 71 -0.69 36.66 16.17
C TYR B 71 -1.02 35.26 16.68
N CYS B 72 -0.53 34.24 15.97
CA CYS B 72 -0.78 32.86 16.35
C CYS B 72 -0.18 32.45 17.71
N LEU B 73 1.06 32.86 18.02
CA LEU B 73 1.65 32.59 19.36
C LEU B 73 0.94 33.21 20.57
N ASN B 74 0.10 34.24 20.39
CA ASN B 74 -0.73 34.75 21.56
C ASN B 74 -2.24 34.46 21.53
N LEU B 75 -2.64 33.54 20.68
CA LEU B 75 -4.04 33.15 20.58
C LEU B 75 -4.53 32.37 21.79
N ASP B 76 -5.84 32.47 22.09
CA ASP B 76 -6.52 31.51 22.97
C ASP B 76 -6.52 30.12 22.30
N VAL B 77 -5.70 29.22 22.85
CA VAL B 77 -5.47 27.89 22.30
C VAL B 77 -6.75 27.00 22.28
N LYS B 78 -7.74 27.38 23.09
CA LYS B 78 -9.00 26.64 23.23
C LYS B 78 -10.04 26.98 22.16
N THR B 79 -9.74 27.92 21.27
CA THR B 79 -10.72 28.46 20.30
C THR B 79 -10.65 27.83 18.91
N LYS B 80 -11.78 27.93 18.21
CA LYS B 80 -11.91 27.73 16.76
C LYS B 80 -10.78 28.43 15.96
N ALA B 81 -10.46 29.66 16.34
CA ALA B 81 -9.43 30.40 15.64
C ALA B 81 -8.01 29.73 15.71
N ALA B 82 -7.64 29.22 16.88
CA ALA B 82 -6.37 28.46 17.08
C ALA B 82 -6.32 27.16 16.28
N ARG B 83 -7.48 26.53 16.11
CA ARG B 83 -7.59 25.30 15.33
C ARG B 83 -7.43 25.62 13.85
N SER B 84 -7.99 26.75 13.43
CA SER B 84 -7.81 27.26 12.08
C SER B 84 -6.36 27.72 11.81
N ALA B 85 -5.72 28.32 12.82
CA ALA B 85 -4.30 28.72 12.74
C ALA B 85 -3.38 27.55 12.41
N LEU B 86 -3.76 26.39 12.94
CA LEU B 86 -2.96 25.21 12.83
C LEU B 86 -2.98 24.71 11.38
N GLU B 87 -4.18 24.66 10.80
CA GLU B 87 -4.30 24.42 9.37
C GLU B 87 -3.54 25.42 8.52
N TYR B 88 -3.67 26.72 8.85
CA TYR B 88 -3.03 27.76 8.07
C TYR B 88 -1.49 27.54 8.06
N ALA B 89 -0.94 27.26 9.25
CA ALA B 89 0.51 27.10 9.36
C ALA B 89 0.97 25.83 8.61
N ASP B 90 0.25 24.74 8.74
CA ASP B 90 0.66 23.52 8.06
C ASP B 90 0.57 23.67 6.54
N ALA B 91 -0.53 24.23 6.05
CA ALA B 91 -0.66 24.52 4.61
C ALA B 91 0.49 25.35 4.02
N ASN B 92 0.99 26.31 4.78
CA ASN B 92 2.05 27.20 4.30
C ASN B 92 3.43 26.70 4.62
N MET B 93 3.51 25.54 5.28
CA MET B 93 4.76 24.96 5.75
C MET B 93 5.49 25.97 6.64
N PHE B 94 4.72 26.66 7.48
CA PHE B 94 5.30 27.51 8.53
C PHE B 94 5.46 26.67 9.80
N PHE B 95 6.48 25.83 9.82
CA PHE B 95 6.62 24.78 10.86
C PHE B 95 6.87 25.31 12.27
N GLU B 96 7.55 26.44 12.35
CA GLU B 96 7.71 27.23 13.57
C GLU B 96 6.42 27.57 14.29
N ILE B 97 5.54 28.23 13.56
CA ILE B 97 4.19 28.58 14.02
C ILE B 97 3.45 27.30 14.45
N GLU B 98 3.45 26.30 13.56
CA GLU B 98 2.73 25.05 13.73
C GLU B 98 3.15 24.26 14.96
N ASP B 99 4.46 24.07 15.12
CA ASP B 99 4.97 23.25 16.24
C ASP B 99 4.71 23.88 17.62
N ALA B 100 4.74 25.23 17.68
CA ALA B 100 4.38 25.97 18.90
C ALA B 100 2.89 25.83 19.25
N LEU B 101 2.01 26.01 18.25
CA LEU B 101 0.55 25.74 18.42
C LEU B 101 0.21 24.30 18.82
N ILE B 102 0.89 23.34 18.20
CA ILE B 102 0.75 21.92 18.55
C ILE B 102 1.04 21.67 20.02
N ASP B 103 2.22 22.07 20.49
CA ASP B 103 2.63 21.83 21.88
C ASP B 103 1.67 22.46 22.89
N SER B 104 1.20 23.68 22.61
CA SER B 104 0.34 24.35 23.56
C SER B 104 -1.13 23.90 23.47
N MET B 105 -1.52 23.25 22.36
CA MET B 105 -2.87 22.71 22.22
C MET B 105 -3.01 21.34 22.88
N ILE B 106 -1.96 20.54 22.83
CA ILE B 106 -2.01 19.26 23.55
C ILE B 106 -1.99 19.48 25.08
N SER B 107 -1.35 20.56 25.56
CA SER B 107 -1.40 21.03 26.95
C SER B 107 -2.77 21.42 27.48
N CYS B 108 -3.55 22.15 26.68
CA CYS B 108 -4.81 22.75 27.14
C CYS B 108 -5.85 21.70 27.51
N SER B 109 -6.91 22.14 28.19
CA SER B 109 -7.96 21.24 28.68
C SER B 109 -9.16 21.09 27.71
N ASN B 110 -9.21 21.91 26.66
CA ASN B 110 -10.28 21.82 25.66
C ASN B 110 -10.15 20.57 24.78
N MET B 111 -11.21 19.76 24.70
CA MET B 111 -11.13 18.46 24.02
C MET B 111 -10.84 18.56 22.51
N LYS B 112 -11.53 19.49 21.84
CA LYS B 112 -11.34 19.77 20.42
C LYS B 112 -9.92 20.15 20.04
N SER B 113 -9.40 21.19 20.68
CA SER B 113 -8.03 21.66 20.43
C SER B 113 -6.96 20.60 20.71
N LYS B 114 -7.15 19.80 21.76
CA LYS B 114 -6.24 18.69 22.13
C LYS B 114 -6.17 17.65 20.99
N GLU B 115 -7.33 17.35 20.42
CA GLU B 115 -7.43 16.32 19.41
C GLU B 115 -6.77 16.79 18.09
N TYR B 116 -7.02 18.05 17.71
CA TYR B 116 -6.37 18.67 16.52
C TYR B 116 -4.85 18.67 16.66
N GLY B 117 -4.39 19.16 17.81
CA GLY B 117 -2.98 19.10 18.14
C GLY B 117 -2.38 17.72 18.02
N LYS B 118 -3.01 16.72 18.63
CA LYS B 118 -2.46 15.36 18.61
C LYS B 118 -2.40 14.83 17.16
N VAL B 119 -3.47 15.07 16.38
CA VAL B 119 -3.54 14.64 14.97
C VAL B 119 -2.54 15.36 14.04
N TYR B 120 -2.44 16.69 14.13
CA TYR B 120 -1.38 17.39 13.34
C TYR B 120 0.06 16.97 13.71
N LYS B 121 0.28 16.65 14.99
CA LYS B 121 1.56 16.12 15.47
C LYS B 121 1.90 14.78 14.79
N ILE B 122 0.93 13.88 14.69
CA ILE B 122 1.11 12.65 13.92
C ILE B 122 1.50 12.93 12.46
N HIS B 123 0.88 13.94 11.84
CA HIS B 123 1.20 14.32 10.47
C HIS B 123 2.65 14.81 10.33
N ARG B 124 3.06 15.66 11.27
CA ARG B 124 4.44 16.18 11.32
C ARG B 124 5.46 15.04 11.48
N GLU B 125 5.23 14.15 12.45
CA GLU B 125 6.09 12.98 12.65
C GLU B 125 6.20 12.03 11.45
N LEU B 126 5.08 11.75 10.77
CA LEU B 126 5.08 10.91 9.58
C LEU B 126 5.84 11.56 8.40
N SER B 127 5.60 12.86 8.17
CA SER B 127 6.35 13.68 7.17
C SER B 127 7.86 13.61 7.31
N LYS B 128 8.34 13.72 8.54
CA LYS B 128 9.76 13.69 8.88
C LYS B 128 10.34 12.28 8.94
N GLY B 129 9.55 11.26 8.63
CA GLY B 129 9.94 9.85 8.75
C GLY B 129 10.28 9.35 10.15
N GLU B 130 9.85 10.06 11.19
CA GLU B 130 10.09 9.65 12.59
C GLU B 130 9.23 8.44 12.96
N ILE B 131 8.18 8.18 12.16
CA ILE B 131 7.29 7.02 12.31
C ILE B 131 6.92 6.55 10.91
N ASP B 132 6.45 5.30 10.81
CA ASP B 132 5.96 4.78 9.53
C ASP B 132 4.42 4.81 9.48
N VAL B 133 3.85 4.45 8.33
CA VAL B 133 2.42 4.59 8.10
C VAL B 133 1.60 3.75 9.09
N PHE B 134 2.12 2.60 9.54
CA PHE B 134 1.40 1.74 10.48
C PHE B 134 1.41 2.24 11.91
N GLU B 135 2.54 2.75 12.40
CA GLU B 135 2.54 3.49 13.67
C GLU B 135 1.58 4.70 13.62
N ALA B 136 1.58 5.43 12.49
CA ALA B 136 0.72 6.61 12.34
C ALA B 136 -0.79 6.27 12.47
N SER B 137 -1.27 5.23 11.77
CA SER B 137 -2.69 4.76 11.91
C SER B 137 -3.00 4.23 13.29
N ALA B 138 -1.99 3.63 13.92
CA ALA B 138 -2.14 3.09 15.27
C ALA B 138 -2.33 4.23 16.27
N ASN B 139 -1.60 5.33 16.06
CA ASN B 139 -1.73 6.52 16.92
C ASN B 139 -3.05 7.27 16.75
N ILE B 140 -3.53 7.31 15.50
CA ILE B 140 -4.85 7.85 15.15
C ILE B 140 -5.88 7.05 15.95
N GLY B 141 -5.73 5.73 15.95
CA GLY B 141 -6.64 4.85 16.68
C GLY B 141 -6.64 5.05 18.19
N LYS B 142 -5.43 5.18 18.75
CA LYS B 142 -5.15 5.44 20.18
C LYS B 142 -5.88 6.69 20.70
N GLN B 143 -5.84 7.76 19.91
CA GLN B 143 -6.48 9.05 20.17
C GLN B 143 -7.99 9.06 20.35
N ARG B 144 -8.70 8.03 19.86
CA ARG B 144 -10.18 7.98 19.87
C ARG B 144 -10.82 9.28 19.36
N ILE B 145 -10.61 9.58 18.09
CA ILE B 145 -11.05 10.80 17.41
C ILE B 145 -12.57 11.02 17.52
N LYS B 146 -12.99 12.21 17.94
CA LYS B 146 -14.42 12.57 18.00
C LYS B 146 -14.89 13.46 16.85
N THR B 147 -14.09 14.43 16.44
CA THR B 147 -14.56 15.44 15.47
C THR B 147 -14.57 14.89 14.04
N ALA B 148 -15.51 15.39 13.24
CA ALA B 148 -15.59 15.06 11.83
C ALA B 148 -14.39 15.63 11.05
N GLU B 149 -13.90 16.78 11.50
CA GLU B 149 -12.73 17.45 10.94
C GLU B 149 -11.47 16.57 11.00
N MET B 150 -11.18 16.01 12.18
CA MET B 150 -10.00 15.15 12.34
C MET B 150 -10.21 13.75 11.82
N ASN B 151 -11.46 13.30 11.76
CA ASN B 151 -11.76 12.09 11.06
C ASN B 151 -11.26 12.15 9.60
N ILE B 152 -11.53 13.28 8.92
CA ILE B 152 -11.10 13.55 7.53
C ILE B 152 -9.60 13.79 7.41
N PHE B 153 -9.05 14.61 8.31
CA PHE B 153 -7.63 14.95 8.22
C PHE B 153 -6.72 13.75 8.50
N SER B 154 -7.16 12.85 9.39
CA SER B 154 -6.39 11.62 9.65
C SER B 154 -6.31 10.78 8.38
N LYS B 155 -7.33 10.82 7.54
CA LYS B 155 -7.27 10.09 6.26
C LYS B 155 -6.32 10.76 5.26
N MET B 156 -6.37 12.09 5.22
CA MET B 156 -5.52 12.87 4.33
C MET B 156 -4.04 12.75 4.73
N LEU B 157 -3.74 12.74 6.03
CA LEU B 157 -2.30 12.60 6.43
C LEU B 157 -1.75 11.24 5.96
N LEU B 158 -2.58 10.20 5.94
CA LEU B 158 -2.16 8.90 5.45
C LEU B 158 -1.99 8.93 3.93
N MET B 159 -2.87 9.67 3.24
CA MET B 159 -2.69 9.92 1.81
C MET B 159 -1.32 10.54 1.45
N TYR B 160 -0.89 11.52 2.23
CA TYR B 160 0.42 12.15 2.01
C TYR B 160 1.56 11.16 2.04
N ASP B 161 1.54 10.26 3.02
CA ASP B 161 2.55 9.22 3.05
C ASP B 161 2.43 8.24 1.87
N CYS B 162 1.20 7.82 1.53
CA CYS B 162 0.99 6.98 0.36
C CYS B 162 1.54 7.63 -0.93
N LEU B 163 1.29 8.94 -1.10
CA LEU B 163 1.86 9.67 -2.22
C LEU B 163 3.40 9.62 -2.27
N ASN B 164 4.09 9.96 -1.18
CA ASN B 164 5.56 9.92 -1.21
C ASN B 164 6.16 8.51 -1.41
N LYS B 165 5.40 7.45 -1.14
CA LYS B 165 5.89 6.11 -1.39
C LYS B 165 5.47 5.60 -2.77
N GLY B 166 4.75 6.40 -3.54
CA GLY B 166 4.29 6.01 -4.85
C GLY B 166 3.31 4.86 -4.87
N ASN B 167 2.59 4.60 -3.76
CA ASN B 167 1.52 3.60 -3.82
C ASN B 167 0.12 4.11 -3.71
N PHE B 168 -0.49 4.10 -4.88
CA PHE B 168 -1.68 4.88 -5.23
C PHE B 168 -3.00 4.20 -4.96
N ALA B 169 -3.05 2.87 -5.01
CA ALA B 169 -4.30 2.15 -4.71
C ALA B 169 -4.83 2.44 -3.29
N PRO B 170 -3.98 2.39 -2.24
CA PRO B 170 -4.52 2.72 -0.90
C PRO B 170 -4.91 4.20 -0.73
N MET B 171 -4.25 5.12 -1.46
CA MET B 171 -4.71 6.52 -1.54
C MET B 171 -6.15 6.66 -1.96
N MET B 172 -6.52 5.94 -3.02
CA MET B 172 -7.85 6.03 -3.63
C MET B 172 -8.87 5.43 -2.68
N LEU B 173 -8.45 4.42 -1.91
CA LEU B 173 -9.32 3.77 -0.95
C LEU B 173 -9.68 4.76 0.16
N LEU B 174 -8.70 5.58 0.58
CA LEU B 174 -8.92 6.57 1.62
C LEU B 174 -9.71 7.76 1.08
N PHE B 175 -9.37 8.21 -0.15
CA PHE B 175 -10.12 9.25 -0.81
C PHE B 175 -11.63 8.95 -0.84
N GLN B 176 -12.01 7.71 -1.18
CA GLN B 176 -13.43 7.32 -1.27
C GLN B 176 -14.17 7.43 0.05
N GLN B 177 -13.45 7.45 1.17
CA GLN B 177 -14.07 7.47 2.51
C GLN B 177 -14.24 8.89 3.05
N ILE B 178 -13.79 9.87 2.28
CA ILE B 178 -13.86 11.26 2.70
C ILE B 178 -15.15 11.89 2.18
N ASP B 179 -15.90 12.51 3.09
CA ASP B 179 -17.08 13.30 2.68
C ASP B 179 -17.01 14.68 3.35
N LEU B 180 -16.66 15.67 2.55
CA LEU B 180 -16.42 17.02 3.05
C LEU B 180 -17.63 17.75 3.69
N SER B 181 -18.85 17.32 3.33
CA SER B 181 -20.04 18.00 3.83
C SER B 181 -20.32 17.68 5.31
N GLU B 182 -19.51 16.81 5.91
CA GLU B 182 -19.62 16.54 7.35
C GLU B 182 -18.96 17.59 8.22
N ILE B 183 -18.18 18.47 7.59
CA ILE B 183 -17.61 19.62 8.28
C ILE B 183 -18.68 20.72 8.24
N LYS B 184 -19.33 20.90 9.40
CA LYS B 184 -20.57 21.68 9.50
C LYS B 184 -20.34 23.15 9.82
N GLU B 185 -19.31 23.42 10.63
CA GLU B 185 -19.14 24.75 11.22
C GLU B 185 -17.93 25.54 10.76
N ASN B 186 -16.88 24.84 10.34
CA ASN B 186 -15.61 25.51 10.09
C ASN B 186 -15.33 25.65 8.58
N ARG B 187 -15.87 26.73 8.00
CA ARG B 187 -15.81 26.97 6.55
C ARG B 187 -14.40 27.14 6.00
N TYR B 188 -13.52 27.75 6.81
CA TYR B 188 -12.13 27.94 6.43
C TYR B 188 -11.44 26.57 6.22
N LEU B 189 -11.70 25.66 7.15
CA LEU B 189 -11.07 24.37 7.20
C LEU B 189 -11.59 23.47 6.09
N LYS B 190 -12.91 23.45 5.89
CA LYS B 190 -13.54 22.79 4.75
C LYS B 190 -12.92 23.25 3.42
N ASN B 191 -12.79 24.55 3.19
CA ASN B 191 -12.24 25.03 1.92
C ASN B 191 -10.75 24.63 1.77
N SER B 192 -9.99 24.71 2.86
CA SER B 192 -8.55 24.41 2.80
C SER B 192 -8.30 22.90 2.51
N PHE B 193 -9.13 22.05 3.13
CA PHE B 193 -9.04 20.58 2.97
C PHE B 193 -9.38 20.22 1.53
N GLU B 194 -10.41 20.87 0.99
CA GLU B 194 -10.77 20.71 -0.40
C GLU B 194 -9.60 21.06 -1.34
N THR B 195 -8.93 22.17 -1.06
CA THR B 195 -7.74 22.50 -1.85
C THR B 195 -6.72 21.36 -1.79
N ARG B 196 -6.47 20.81 -0.59
CA ARG B 196 -5.42 19.80 -0.38
C ARG B 196 -5.72 18.55 -1.21
N ILE B 197 -7.00 18.15 -1.18
CA ILE B 197 -7.52 16.98 -1.85
C ILE B 197 -7.39 17.10 -3.37
N ASN B 198 -7.73 18.27 -3.91
CA ASN B 198 -7.59 18.50 -5.35
C ASN B 198 -6.14 18.44 -5.84
N VAL B 199 -5.22 19.00 -5.06
CA VAL B 199 -3.78 18.87 -5.35
C VAL B 199 -3.32 17.42 -5.31
N LEU B 200 -3.71 16.69 -4.26
CA LEU B 200 -3.35 15.28 -4.14
C LEU B 200 -3.84 14.45 -5.33
N LEU B 201 -5.10 14.61 -5.70
CA LEU B 201 -5.69 13.88 -6.81
C LEU B 201 -4.99 14.24 -8.13
N SER B 202 -4.61 15.50 -8.24
CA SER B 202 -3.93 16.00 -9.41
C SER B 202 -2.63 15.21 -9.63
N ASN B 203 -1.81 15.11 -8.59
CA ASN B 203 -0.58 14.34 -8.64
C ASN B 203 -0.75 12.83 -8.84
N ILE B 204 -1.84 12.25 -8.34
CA ILE B 204 -2.20 10.86 -8.61
C ILE B 204 -2.30 10.70 -10.12
N TYR B 205 -3.25 11.43 -10.72
CA TYR B 205 -3.53 11.29 -12.14
C TYR B 205 -2.34 11.64 -13.05
N LEU B 206 -1.43 12.51 -12.59
CA LEU B 206 -0.22 12.79 -13.34
C LEU B 206 0.66 11.54 -13.44
N ASN B 207 0.75 10.77 -12.37
CA ASN B 207 1.54 9.53 -12.39
C ASN B 207 0.85 8.38 -13.12
N GLU B 208 -0.47 8.26 -12.95
CA GLU B 208 -1.24 7.26 -13.68
C GLU B 208 -1.53 7.62 -15.15
N ASN B 209 -0.84 8.67 -15.65
CA ASN B 209 -0.97 9.18 -17.04
C ASN B 209 -2.37 9.60 -17.57
N ASN B 210 -3.31 9.92 -16.67
CA ASN B 210 -4.62 10.50 -17.07
C ASN B 210 -4.54 12.03 -17.10
N LEU B 211 -3.99 12.54 -18.21
CA LEU B 211 -3.50 13.91 -18.21
C LEU B 211 -4.61 14.94 -18.13
N GLU B 212 -5.76 14.63 -18.72
CA GLU B 212 -6.93 15.55 -18.70
C GLU B 212 -7.55 15.68 -17.30
N LEU B 213 -7.66 14.55 -16.59
CA LEU B 213 -8.12 14.55 -15.22
C LEU B 213 -7.16 15.35 -14.32
N CYS B 214 -5.86 15.12 -14.51
CA CYS B 214 -4.82 15.82 -13.78
C CYS B 214 -4.96 17.35 -13.84
N ARG B 215 -5.22 17.85 -15.05
CA ARG B 215 -5.31 19.28 -15.26
C ARG B 215 -6.57 19.84 -14.63
N GLU B 216 -7.65 19.07 -14.71
CA GLU B 216 -8.93 19.51 -14.18
C GLU B 216 -8.88 19.67 -12.65
N TYR B 217 -8.21 18.74 -11.98
CA TYR B 217 -8.06 18.81 -10.53
C TYR B 217 -7.11 19.92 -10.09
N ALA B 218 -6.07 20.14 -10.88
CA ALA B 218 -5.16 21.22 -10.59
C ALA B 218 -5.86 22.58 -10.72
N GLN B 219 -6.67 22.74 -11.78
CA GLN B 219 -7.46 23.96 -11.92
C GLN B 219 -8.45 24.17 -10.78
N LYS B 220 -9.15 23.11 -10.36
CA LYS B 220 -10.10 23.21 -9.21
C LYS B 220 -9.39 23.74 -7.97
N ALA B 221 -8.16 23.30 -7.78
CA ALA B 221 -7.32 23.75 -6.66
C ALA B 221 -6.96 25.23 -6.78
N ILE B 222 -6.48 25.63 -7.97
CA ILE B 222 -6.19 27.04 -8.26
C ILE B 222 -7.39 27.94 -7.97
N SER B 223 -8.57 27.53 -8.42
CA SER B 223 -9.81 28.33 -8.24
C SER B 223 -10.17 28.56 -6.78
N SER B 224 -9.90 27.57 -5.95
CA SER B 224 -10.30 27.55 -4.55
C SER B 224 -9.30 28.22 -3.58
N THR B 225 -8.20 28.79 -4.07
CA THR B 225 -7.08 29.16 -3.15
C THR B 225 -6.28 30.42 -3.51
N ASP B 226 -5.70 31.04 -2.50
CA ASP B 226 -4.65 32.03 -2.72
C ASP B 226 -3.39 31.72 -1.90
N THR B 227 -3.27 30.49 -1.42
CA THR B 227 -2.06 30.04 -0.74
C THR B 227 -0.94 29.77 -1.75
N GLN B 228 0.20 30.44 -1.60
CA GLN B 228 1.26 30.39 -2.62
C GLN B 228 1.80 28.96 -2.85
N ARG B 229 2.07 28.22 -1.79
CA ARG B 229 2.41 26.79 -1.86
C ARG B 229 1.52 25.97 -2.85
N PHE B 230 0.20 26.06 -2.71
CA PHE B 230 -0.73 25.31 -3.58
C PHE B 230 -0.80 25.83 -5.01
N LEU B 231 -0.66 27.13 -5.17
CA LEU B 231 -0.61 27.75 -6.50
C LEU B 231 0.63 27.27 -7.26
N VAL B 232 1.78 27.35 -6.58
CA VAL B 232 3.06 26.92 -7.11
C VAL B 232 3.00 25.45 -7.56
N PHE B 233 2.61 24.55 -6.67
CA PHE B 233 2.56 23.13 -7.04
C PHE B 233 1.49 22.79 -8.08
N SER B 234 0.37 23.52 -8.09
CA SER B 234 -0.64 23.28 -9.13
C SER B 234 -0.11 23.66 -10.51
N TYR B 235 0.48 24.85 -10.64
CA TYR B 235 1.07 25.22 -11.93
C TYR B 235 2.25 24.34 -12.36
N LEU B 236 3.01 23.84 -11.38
CA LEU B 236 4.14 22.95 -11.70
C LEU B 236 3.62 21.64 -12.33
N THR B 237 2.63 21.05 -11.68
CA THR B 237 1.91 19.90 -12.20
C THR B 237 1.30 20.15 -13.58
N ILE B 238 0.58 21.26 -13.79
CA ILE B 238 0.01 21.55 -15.12
C ILE B 238 1.11 21.67 -16.18
N GLY B 239 2.18 22.41 -15.86
CA GLY B 239 3.35 22.49 -16.74
C GLY B 239 3.89 21.11 -17.15
N THR B 240 4.07 20.25 -16.15
CA THR B 240 4.59 18.91 -16.35
C THR B 240 3.66 18.04 -17.18
N SER B 241 2.36 18.17 -16.94
CA SER B 241 1.36 17.42 -17.72
C SER B 241 1.44 17.67 -19.25
N TYR B 242 2.00 18.81 -19.66
CA TYR B 242 2.10 19.19 -21.06
C TYR B 242 3.47 18.95 -21.72
N ILE B 243 4.46 18.45 -20.97
CA ILE B 243 5.85 18.36 -21.48
C ILE B 243 5.95 17.66 -22.84
N PHE B 244 5.29 16.50 -22.96
CA PHE B 244 5.40 15.63 -24.14
C PHE B 244 4.42 15.96 -25.27
N SER B 245 3.43 16.79 -24.98
CA SER B 245 2.36 17.01 -25.96
C SER B 245 2.18 18.43 -26.51
N ASP B 246 2.71 19.46 -25.82
CA ASP B 246 2.46 20.86 -26.21
C ASP B 246 3.46 21.80 -25.52
N PHE B 247 4.50 22.14 -26.27
CA PHE B 247 5.58 22.97 -25.79
C PHE B 247 5.04 24.26 -25.20
N ASN B 248 4.14 24.90 -25.94
CA ASN B 248 3.75 26.28 -25.61
C ASN B 248 2.91 26.38 -24.32
N LEU B 249 1.96 25.44 -24.16
CA LEU B 249 1.15 25.42 -22.94
C LEU B 249 1.99 25.04 -21.71
N SER B 250 2.90 24.08 -21.88
CA SER B 250 3.88 23.74 -20.84
C SER B 250 4.66 24.97 -20.39
N LYS B 251 5.27 25.68 -21.34
CA LYS B 251 6.01 26.90 -21.03
C LYS B 251 5.13 27.96 -20.29
N GLN B 252 3.95 28.25 -20.83
CA GLN B 252 3.14 29.34 -20.27
C GLN B 252 2.68 29.02 -18.85
N ASN B 253 2.29 27.76 -18.62
CA ASN B 253 1.94 27.30 -17.29
C ASN B 253 3.11 27.41 -16.29
N TYR B 254 4.33 27.07 -16.73
CA TYR B 254 5.51 27.29 -15.91
C TYR B 254 5.79 28.76 -15.62
N LEU B 255 5.57 29.63 -16.62
CA LEU B 255 5.80 31.08 -16.41
C LEU B 255 4.78 31.67 -15.45
N ILE B 256 3.49 31.30 -15.55
CA ILE B 256 2.54 31.73 -14.52
C ILE B 256 2.88 31.25 -13.11
N GLY B 257 3.22 29.97 -12.99
CA GLY B 257 3.76 29.43 -11.73
C GLY B 257 4.97 30.17 -11.19
N LEU B 258 5.95 30.42 -12.05
CA LEU B 258 7.14 31.19 -11.69
C LEU B 258 6.82 32.60 -11.12
N LYS B 259 5.84 33.28 -11.73
CA LYS B 259 5.37 34.58 -11.26
C LYS B 259 4.78 34.45 -9.85
N PHE B 260 3.92 33.45 -9.62
CA PHE B 260 3.38 33.24 -8.28
C PHE B 260 4.47 32.85 -7.26
N ALA B 261 5.58 32.31 -7.73
CA ALA B 261 6.67 31.91 -6.83
C ALA B 261 7.55 33.07 -6.39
N LYS B 262 7.37 34.25 -7.02
CA LYS B 262 8.28 35.41 -6.83
C LYS B 262 8.58 35.68 -5.37
N GLY B 263 9.88 35.80 -5.07
CA GLY B 263 10.34 36.06 -3.70
C GLY B 263 10.41 34.86 -2.76
N ASN B 264 10.29 33.65 -3.31
CA ASN B 264 10.68 32.42 -2.61
C ASN B 264 11.65 31.67 -3.53
N PRO B 265 12.98 31.89 -3.33
CA PRO B 265 14.02 31.24 -4.15
C PRO B 265 13.87 29.73 -4.35
N GLY B 266 13.52 29.00 -3.29
CA GLY B 266 13.28 27.55 -3.35
C GLY B 266 12.18 27.15 -4.34
N PHE B 267 11.02 27.80 -4.24
CA PHE B 267 9.93 27.62 -5.22
C PHE B 267 10.37 28.04 -6.65
N GLU B 268 11.10 29.15 -6.78
CA GLU B 268 11.54 29.61 -8.11
C GLU B 268 12.38 28.59 -8.85
N GLU B 269 13.27 27.92 -8.12
CA GLU B 269 14.14 26.87 -8.66
C GLU B 269 13.47 25.72 -9.39
N PHE B 270 12.36 25.24 -8.85
CA PHE B 270 11.60 24.19 -9.51
C PHE B 270 11.23 24.58 -10.93
N PHE B 271 10.77 25.83 -11.12
CA PHE B 271 10.35 26.30 -12.43
C PHE B 271 11.52 26.51 -13.38
N LYS B 272 12.62 27.06 -12.87
CA LYS B 272 13.80 27.26 -13.69
C LYS B 272 14.36 25.93 -14.25
N ARG B 273 14.41 24.90 -13.40
CA ARG B 273 14.90 23.58 -13.80
C ARG B 273 13.96 22.91 -14.79
N ASN B 274 12.66 22.92 -14.50
CA ASN B 274 11.67 22.42 -15.46
C ASN B 274 11.70 23.15 -16.78
N LEU B 275 11.84 24.49 -16.77
CA LEU B 275 11.95 25.25 -18.02
C LEU B 275 13.20 24.88 -18.83
N SER B 276 14.30 24.71 -18.10
CA SER B 276 15.55 24.26 -18.70
C SER B 276 15.37 22.90 -19.41
N PHE B 277 14.74 21.96 -18.73
CA PHE B 277 14.49 20.66 -19.33
C PHE B 277 13.57 20.79 -20.56
N LEU B 278 12.46 21.48 -20.38
CA LEU B 278 11.50 21.65 -21.47
C LEU B 278 12.19 22.19 -22.75
N ASN B 279 12.95 23.27 -22.61
CA ASN B 279 13.63 23.87 -23.78
C ASN B 279 14.65 22.95 -24.45
N ASN B 280 15.35 22.16 -23.64
CA ASN B 280 16.26 21.13 -24.15
C ASN B 280 15.53 20.01 -24.92
N PHE B 281 14.49 19.44 -24.32
CA PHE B 281 13.73 18.35 -24.94
C PHE B 281 13.13 18.75 -26.29
N TRP B 282 12.71 20.00 -26.43
CA TRP B 282 12.08 20.52 -27.69
C TRP B 282 13.08 21.24 -28.60
N ASN B 283 14.37 21.16 -28.25
CA ASN B 283 15.47 21.72 -29.04
C ASN B 283 15.25 23.21 -29.35
N LYS B 284 15.05 23.99 -28.28
CA LYS B 284 14.88 25.43 -28.33
C LYS B 284 16.04 26.12 -27.66
N GLU B 285 16.29 27.36 -28.04
CA GLU B 285 17.28 28.18 -27.36
C GLU B 285 16.90 28.29 -25.89
N ASN B 286 17.89 28.09 -25.03
CA ASN B 286 17.64 27.85 -23.61
C ASN B 286 18.30 28.97 -22.80
N GLU B 287 17.48 29.81 -22.17
CA GLU B 287 18.02 30.86 -21.30
C GLU B 287 18.18 30.41 -19.84
N TRP B 288 17.69 29.23 -19.51
CA TRP B 288 17.52 28.82 -18.12
C TRP B 288 18.65 27.95 -17.54
N ILE B 289 19.67 27.63 -18.33
CA ILE B 289 20.75 26.74 -17.89
C ILE B 289 21.61 27.33 -16.80
N ASN B 290 21.90 26.49 -15.82
CA ASN B 290 22.69 26.85 -14.68
C ASN B 290 24.07 26.24 -14.88
N TYR B 291 25.02 27.01 -15.42
CA TYR B 291 26.39 26.53 -15.68
C TYR B 291 27.25 26.37 -14.44
N ASP B 292 26.78 26.94 -13.33
CA ASP B 292 27.54 27.06 -12.10
C ASP B 292 27.23 25.98 -11.07
N SER B 293 26.00 25.49 -11.13
CA SER B 293 25.50 24.52 -10.18
C SER B 293 26.33 23.25 -10.22
N ASP B 294 26.53 22.65 -9.05
CA ASP B 294 27.22 21.39 -8.91
C ASP B 294 26.25 20.18 -8.61
N ALA B 295 24.96 20.44 -8.69
CA ALA B 295 23.96 19.38 -8.67
C ALA B 295 23.98 18.58 -9.95
N VAL B 296 23.89 17.27 -9.82
CA VAL B 296 23.77 16.34 -10.94
C VAL B 296 22.72 16.78 -12.00
N THR B 297 21.50 17.07 -11.58
CA THR B 297 20.42 17.39 -12.52
C THR B 297 20.74 18.61 -13.40
N ASP B 298 21.40 19.62 -12.82
CA ASP B 298 21.80 20.81 -13.55
C ASP B 298 22.92 20.56 -14.53
N MET B 299 23.87 19.72 -14.12
CA MET B 299 25.04 19.37 -14.95
C MET B 299 24.61 18.53 -16.15
N GLN B 300 23.59 17.71 -15.97
CA GLN B 300 22.94 16.96 -17.06
C GLN B 300 22.29 17.87 -18.07
N GLU B 301 21.63 18.93 -17.61
CA GLU B 301 21.03 19.90 -18.51
C GLU B 301 22.06 20.60 -19.40
N VAL B 302 23.29 20.80 -18.87
CA VAL B 302 24.40 21.39 -19.62
C VAL B 302 24.82 20.41 -20.72
N ILE B 303 24.93 19.12 -20.38
CA ILE B 303 25.30 18.10 -21.36
C ILE B 303 24.25 18.00 -22.48
N PHE B 304 22.97 17.98 -22.10
CA PHE B 304 21.83 17.93 -23.03
C PHE B 304 21.91 19.09 -24.07
N GLU B 305 22.22 20.30 -23.61
CA GLU B 305 22.37 21.43 -24.52
C GLU B 305 23.55 21.27 -25.51
N LEU B 306 24.72 20.85 -25.03
CA LEU B 306 25.83 20.51 -25.92
C LEU B 306 25.40 19.51 -27.03
N ILE B 307 24.66 18.47 -26.64
CA ILE B 307 24.17 17.47 -27.59
C ILE B 307 23.23 18.03 -28.68
N ASN B 308 22.29 18.90 -28.30
CA ASN B 308 21.41 19.56 -29.25
C ASN B 308 22.20 20.42 -30.23
N HIS B 309 23.39 20.90 -29.81
CA HIS B 309 24.30 21.66 -30.68
C HIS B 309 25.36 20.79 -31.37
N LYS B 310 25.20 19.47 -31.31
CA LYS B 310 26.13 18.51 -31.95
C LYS B 310 27.61 18.65 -31.51
N GLU B 311 27.81 19.22 -30.32
CA GLU B 311 29.11 19.29 -29.67
C GLU B 311 29.42 17.97 -28.90
N LEU B 312 29.51 16.90 -29.67
CA LEU B 312 29.45 15.54 -29.09
C LEU B 312 30.67 15.18 -28.23
N SER B 313 31.85 15.62 -28.63
CA SER B 313 33.06 15.26 -27.89
C SER B 313 33.14 15.97 -26.53
N LYS B 314 32.84 17.27 -26.46
CA LYS B 314 32.68 17.95 -25.15
C LYS B 314 31.59 17.36 -24.23
N ALA B 315 30.46 16.99 -24.81
CA ALA B 315 29.37 16.38 -24.06
C ALA B 315 29.83 15.06 -23.46
N LEU B 316 30.57 14.26 -24.25
CA LEU B 316 31.09 12.96 -23.82
C LEU B 316 32.05 13.05 -22.65
N GLN B 317 32.90 14.07 -22.67
CA GLN B 317 33.88 14.29 -21.62
C GLN B 317 33.18 14.65 -20.29
N LEU B 318 32.22 15.58 -20.33
CA LEU B 318 31.46 15.99 -19.15
C LEU B 318 30.55 14.88 -18.60
N LEU B 319 30.07 14.04 -19.52
CA LEU B 319 29.30 12.88 -19.16
C LEU B 319 30.12 11.81 -18.45
N ASN B 320 31.35 11.55 -18.90
CA ASN B 320 32.29 10.62 -18.21
C ASN B 320 32.68 11.07 -16.82
N LYS B 321 32.96 12.37 -16.68
CA LYS B 321 33.14 13.02 -15.39
C LYS B 321 31.99 12.71 -14.40
N LEU B 322 30.75 12.85 -14.87
CA LEU B 322 29.56 12.64 -14.05
C LEU B 322 29.35 11.19 -13.62
N GLU B 323 29.83 10.26 -14.45
CA GLU B 323 29.66 8.84 -14.15
C GLU B 323 30.44 8.38 -12.92
N GLU B 324 31.51 9.12 -12.62
CA GLU B 324 32.36 8.92 -11.46
C GLU B 324 31.62 9.15 -10.13
N ARG B 325 30.71 10.12 -10.14
CA ARG B 325 29.99 10.54 -8.95
C ARG B 325 28.76 9.65 -8.62
N ASP B 326 28.34 9.63 -7.35
CA ASP B 326 27.20 8.87 -6.86
C ASP B 326 25.86 9.41 -7.38
N GLN B 327 25.04 8.51 -7.96
CA GLN B 327 23.77 8.85 -8.61
C GLN B 327 22.66 7.89 -8.21
N ASN B 328 21.48 8.41 -7.91
CA ASN B 328 20.34 7.52 -7.73
C ASN B 328 19.83 7.02 -9.11
N GLU B 329 18.77 6.20 -9.07
CA GLU B 329 18.28 5.51 -10.27
C GLU B 329 17.63 6.44 -11.29
N ASN B 330 16.91 7.45 -10.82
CA ASN B 330 16.26 8.40 -11.69
C ASN B 330 17.28 9.24 -12.47
N GLU B 331 18.40 9.54 -11.84
CA GLU B 331 19.48 10.29 -12.48
C GLU B 331 20.21 9.36 -13.46
N LEU B 332 20.33 8.08 -13.10
CA LEU B 332 21.04 7.14 -13.96
C LEU B 332 20.24 6.93 -15.25
N GLY B 333 18.91 7.00 -15.15
CA GLY B 333 18.03 6.88 -16.32
C GLY B 333 18.34 7.98 -17.32
N PHE B 334 18.44 9.20 -16.77
CA PHE B 334 18.77 10.37 -17.55
C PHE B 334 20.21 10.26 -18.08
N HIS B 335 21.13 9.78 -17.24
CA HIS B 335 22.51 9.56 -17.65
C HIS B 335 22.64 8.67 -18.91
N TYR B 336 21.95 7.55 -18.90
CA TYR B 336 22.04 6.60 -20.01
C TYR B 336 21.29 7.10 -21.25
N TYR B 337 20.31 7.96 -21.05
CA TYR B 337 19.59 8.55 -22.15
C TYR B 337 20.54 9.46 -22.91
N LEU B 338 21.28 10.31 -22.19
CA LEU B 338 22.28 11.19 -22.79
C LEU B 338 23.37 10.39 -23.48
N LYS B 339 23.84 9.32 -22.84
CA LYS B 339 24.88 8.45 -23.45
C LYS B 339 24.37 7.94 -24.78
N GLY B 340 23.12 7.48 -24.82
CA GLY B 340 22.50 7.00 -26.04
C GLY B 340 22.43 8.03 -27.16
N LEU B 341 22.13 9.29 -26.83
CA LEU B 341 22.09 10.35 -27.84
C LEU B 341 23.49 10.60 -28.44
N ILE B 342 24.52 10.47 -27.61
CA ILE B 342 25.91 10.71 -28.07
C ILE B 342 26.41 9.57 -28.94
N THR B 343 26.24 8.33 -28.46
CA THR B 343 26.86 7.12 -29.05
C THR B 343 25.95 6.38 -30.04
N ASN B 344 24.66 6.67 -30.06
CA ASN B 344 23.67 5.89 -30.82
C ASN B 344 23.65 4.37 -30.58
N GLU B 345 23.94 3.96 -29.35
CA GLU B 345 23.88 2.56 -28.95
C GLU B 345 22.48 2.24 -28.37
N LYS B 346 21.82 1.21 -28.91
CA LYS B 346 20.53 0.75 -28.33
C LYS B 346 20.64 0.37 -26.87
N GLU B 347 21.75 -0.27 -26.48
CA GLU B 347 21.98 -0.69 -25.08
C GLU B 347 21.77 0.43 -24.08
N ALA B 348 22.33 1.60 -24.38
CA ALA B 348 22.18 2.76 -23.51
C ALA B 348 20.70 3.11 -23.31
N PHE B 349 19.90 3.09 -24.40
CA PHE B 349 18.45 3.37 -24.29
C PHE B 349 17.65 2.33 -23.49
N PHE B 350 17.99 1.06 -23.67
CA PHE B 350 17.42 -0.03 -22.87
C PHE B 350 17.74 0.14 -21.38
N LYS B 351 19.00 0.39 -21.04
CA LYS B 351 19.38 0.65 -19.63
C LYS B 351 18.60 1.83 -19.06
N SER B 352 18.52 2.91 -19.85
CA SER B 352 17.75 4.09 -19.49
C SER B 352 16.32 3.74 -19.11
N VAL B 353 15.67 2.90 -19.93
CA VAL B 353 14.29 2.48 -19.66
C VAL B 353 14.25 1.72 -18.33
N GLU B 354 15.17 0.78 -18.14
CA GLU B 354 15.27 0.01 -16.87
C GLU B 354 15.47 0.89 -15.63
N TYR B 355 16.38 1.84 -15.71
CA TYR B 355 16.54 2.75 -14.56
C TYR B 355 15.30 3.57 -14.29
N PHE B 356 14.67 4.13 -15.32
CA PHE B 356 13.41 4.87 -15.10
C PHE B 356 12.28 3.96 -14.56
N LYS B 357 12.21 2.72 -15.04
CA LYS B 357 11.22 1.77 -14.51
C LYS B 357 11.51 1.44 -13.04
N ALA B 358 12.76 1.08 -12.72
CA ALA B 358 13.22 0.88 -11.31
C ALA B 358 12.94 2.05 -10.38
N SER B 359 12.98 3.28 -10.89
CA SER B 359 12.72 4.44 -10.03
C SER B 359 11.25 4.88 -10.05
N GLN B 360 10.38 4.10 -10.69
CA GLN B 360 8.91 4.34 -10.73
C GLN B 360 8.53 5.67 -11.38
N ASP B 361 9.32 6.10 -12.34
CA ASP B 361 9.05 7.33 -13.05
C ASP B 361 8.33 6.95 -14.35
N LYS B 362 7.02 7.10 -14.35
CA LYS B 362 6.20 6.83 -15.54
C LYS B 362 6.18 7.99 -16.56
N LEU B 363 6.81 9.11 -16.24
CA LEU B 363 6.95 10.19 -17.21
C LEU B 363 8.20 10.18 -18.08
N SER B 364 9.38 10.23 -17.46
CA SER B 364 10.67 10.35 -18.14
C SER B 364 11.01 9.13 -19.01
N ILE B 365 10.42 7.98 -18.64
CA ILE B 365 10.56 6.75 -19.40
C ILE B 365 10.18 6.96 -20.87
N LYS B 366 9.32 7.93 -21.16
CA LYS B 366 8.91 8.23 -22.54
C LYS B 366 10.07 8.68 -23.41
N MET B 367 11.07 9.32 -22.81
CA MET B 367 12.23 9.81 -23.59
C MET B 367 13.01 8.71 -24.30
N PRO B 368 13.56 7.70 -23.56
CA PRO B 368 14.30 6.65 -24.28
C PRO B 368 13.36 5.79 -25.15
N LEU B 369 12.09 5.70 -24.76
CA LEU B 369 11.07 4.99 -25.53
C LEU B 369 10.84 5.59 -26.91
N ILE B 370 10.69 6.91 -26.98
CA ILE B 370 10.64 7.66 -28.27
C ILE B 370 11.90 7.38 -29.09
N GLN B 371 13.09 7.41 -28.49
CA GLN B 371 14.30 7.07 -29.26
C GLN B 371 14.30 5.66 -29.80
N LEU B 372 13.86 4.70 -28.98
CA LEU B 372 13.87 3.32 -29.42
C LEU B 372 12.93 3.11 -30.61
N GLU B 373 11.79 3.81 -30.64
CA GLU B 373 10.87 3.76 -31.78
C GLU B 373 11.55 4.29 -33.05
N LYS B 374 12.23 5.44 -32.95
CA LYS B 374 13.02 6.00 -34.04
C LYS B 374 14.06 5.02 -34.58
N MET B 375 14.60 4.16 -33.72
CA MET B 375 15.60 3.17 -34.14
C MET B 375 14.96 1.86 -34.64
N GLY B 376 13.64 1.87 -34.80
CA GLY B 376 12.90 0.74 -35.37
C GLY B 376 12.42 -0.36 -34.43
N GLU B 377 12.40 -0.12 -33.12
CA GLU B 377 11.77 -1.07 -32.20
C GLU B 377 10.24 -1.00 -32.33
N ASN B 378 9.56 -2.06 -31.95
CA ASN B 378 8.12 -2.18 -32.23
C ASN B 378 7.28 -1.23 -31.35
N PRO B 379 6.58 -0.25 -31.97
CA PRO B 379 5.78 0.72 -31.19
C PRO B 379 4.71 0.08 -30.29
N ARG B 380 4.12 -1.00 -30.77
CA ARG B 380 3.07 -1.72 -30.04
C ARG B 380 3.51 -2.30 -28.66
N LEU B 381 4.76 -2.75 -28.61
CA LEU B 381 5.39 -3.28 -27.44
C LEU B 381 5.93 -2.16 -26.52
N LEU B 382 6.51 -1.13 -27.14
CA LEU B 382 6.92 0.10 -26.42
C LEU B 382 5.79 0.75 -25.63
N LYS B 383 4.61 0.84 -26.22
CA LYS B 383 3.43 1.37 -25.56
C LYS B 383 3.13 0.59 -24.24
N ILE B 384 3.29 -0.74 -24.24
CA ILE B 384 3.01 -1.57 -23.06
C ILE B 384 3.91 -1.24 -21.86
N ILE B 385 5.17 -0.88 -22.14
CA ILE B 385 6.14 -0.53 -21.10
C ILE B 385 5.72 0.73 -20.30
N THR B 386 5.01 1.68 -20.92
CA THR B 386 4.60 2.93 -20.22
C THR B 386 3.35 2.74 -19.36
N MET B 387 2.45 1.91 -19.87
CA MET B 387 1.15 1.62 -19.29
C MET B 387 1.34 1.13 -17.84
#